data_1XF4
#
_entry.id   1XF4
#
_cell.length_a   179.179
_cell.length_b   179.179
_cell.length_c   91.985
_cell.angle_alpha   90.00
_cell.angle_beta   90.00
_cell.angle_gamma   120.00
#
_symmetry.space_group_name_H-M   'P 3 2 1'
#
loop_
_entity.id
_entity.type
_entity.pdbx_description
1 polymer 'Fab light chain'
2 polymer 'Fab heavy chain'
3 non-polymer 'SULFATE ION'
4 water water
#
loop_
_entity_poly.entity_id
_entity_poly.type
_entity_poly.pdbx_seq_one_letter_code
_entity_poly.pdbx_strand_id
1 'polypeptide(L)'
;ELQMTQSPASLSASVGETVTITCRASENIYSYLAWYQQKQGKSPQLLVYNAKTLAEGVPSRFSGSGSGTQFSLKINSLQP
EDFGSYYCQHHYGTPLTFGAGTKLELKRADAAPTVSIFPPSSEQLTSGGASVVCFLNNFYPKDINVKWKIDGSERQNGVL
NSWTDQDSKDSTYSMSSTLTLTKDEYERHNSYTCEATHKTSTSPIVKSFNRNEC
;
L,A
2 'polypeptide(L)'
;QVKLLESGPELVKPGASVKMSCKASGYTFTSYVMHWVKQKPGQGLEWIGYINPYNDGTKYNEKFKGKATLTSDKSSSTAY
MELSSLTSEDSAVYYCVRGGYRPYYAMDYWGQGTSVTVSSAKTTPPSVYPLAPGSAAQTNSMVTLGCLVKGYFPEPVTVT
WNSGSLSSGVHTFPAVLQSDLYTLSSSVTVPSSTWPSETVTCNVAHPASSTKVDKKIVPRDCTSHHHHHH
;
H,B
#
loop_
_chem_comp.id
_chem_comp.type
_chem_comp.name
_chem_comp.formula
SO4 non-polymer 'SULFATE ION' 'O4 S -2'
#
# COMPACT_ATOMS: atom_id res chain seq x y z
N GLU A 1 3.85 -18.09 24.13
CA GLU A 1 4.02 -17.68 22.72
C GLU A 1 4.10 -18.93 21.85
N LEU A 2 4.31 -18.74 20.55
CA LEU A 2 4.47 -19.85 19.62
C LEU A 2 5.87 -20.43 19.80
N GLN A 3 5.97 -21.76 19.78
CA GLN A 3 7.24 -22.42 20.02
C GLN A 3 7.67 -23.33 18.83
N MET A 4 8.92 -23.18 18.40
CA MET A 4 9.47 -23.93 17.30
C MET A 4 10.59 -24.77 17.84
N THR A 5 10.49 -26.07 17.66
CA THR A 5 11.58 -26.90 18.08
C THR A 5 12.21 -27.48 16.83
N GLN A 6 13.50 -27.19 16.66
CA GLN A 6 14.24 -27.59 15.48
C GLN A 6 15.19 -28.70 15.92
N SER A 7 15.36 -29.73 15.10
CA SER A 7 16.30 -30.83 15.39
C SER A 7 17.06 -31.34 14.14
N PRO A 8 18.31 -31.85 14.32
CA PRO A 8 19.00 -31.81 15.61
C PRO A 8 19.71 -30.45 15.78
N ALA A 9 20.54 -30.32 16.81
CA ALA A 9 21.41 -29.15 16.94
C ALA A 9 22.60 -29.25 16.00
N SER A 10 23.28 -30.39 16.00
CA SER A 10 24.44 -30.59 15.14
C SER A 10 24.27 -31.86 14.39
N LEU A 11 24.77 -31.91 13.17
CA LEU A 11 24.70 -33.10 12.38
C LEU A 11 25.91 -33.11 11.49
N SER A 12 26.40 -34.31 11.21
CA SER A 12 27.58 -34.53 10.39
C SER A 12 27.20 -35.45 9.24
N ALA A 13 27.90 -35.32 8.12
CA ALA A 13 27.57 -36.14 6.95
C ALA A 13 28.63 -35.98 5.86
N SER A 14 28.58 -36.87 4.88
CA SER A 14 29.48 -36.84 3.74
C SER A 14 28.74 -36.29 2.52
N VAL A 15 29.51 -35.82 1.56
CA VAL A 15 29.02 -35.35 0.28
C VAL A 15 28.34 -36.54 -0.38
N GLY A 16 27.32 -36.31 -1.22
CA GLY A 16 26.57 -37.40 -1.80
C GLY A 16 25.55 -38.01 -0.86
N GLU A 17 25.64 -37.64 0.41
CA GLU A 17 24.77 -38.19 1.46
C GLU A 17 23.56 -37.31 1.62
N THR A 18 22.43 -37.92 1.99
CA THR A 18 21.15 -37.23 2.23
C THR A 18 20.86 -37.10 3.76
N VAL A 19 20.49 -35.90 4.19
CA VAL A 19 20.10 -35.64 5.57
C VAL A 19 18.78 -34.89 5.68
N THR A 20 18.18 -34.97 6.87
CA THR A 20 16.89 -34.37 7.13
C THR A 20 16.90 -33.54 8.40
N ILE A 21 16.37 -32.33 8.30
CA ILE A 21 16.25 -31.44 9.44
C ILE A 21 14.78 -31.27 9.79
N THR A 22 14.42 -31.51 11.04
CA THR A 22 13.06 -31.36 11.53
C THR A 22 12.73 -30.06 12.30
N CYS A 23 11.50 -29.58 12.09
CA CYS A 23 10.92 -28.41 12.76
C CYS A 23 9.49 -28.66 13.23
N ARG A 24 9.27 -28.48 14.53
CA ARG A 24 7.97 -28.69 15.15
C ARG A 24 7.37 -27.36 15.65
N ALA A 25 6.15 -27.05 15.21
CA ALA A 25 5.39 -25.92 15.74
C ALA A 25 4.47 -26.37 16.89
N SER A 26 4.31 -25.52 17.90
CA SER A 26 3.54 -25.87 19.09
C SER A 26 2.08 -25.46 18.89
N GLU A 27 1.77 -25.04 17.67
CA GLU A 27 0.42 -24.63 17.29
C GLU A 27 0.28 -24.74 15.78
N ASN A 28 -0.94 -25.00 15.33
CA ASN A 28 -1.21 -25.15 13.90
C ASN A 28 -0.78 -23.89 13.13
N ILE A 29 0.33 -23.98 12.39
CA ILE A 29 0.78 -22.84 11.57
C ILE A 29 0.48 -23.05 10.08
N TYR A 30 -0.63 -23.75 9.83
CA TYR A 30 -1.08 -24.20 8.50
C TYR A 30 0.10 -24.61 7.59
N SER A 31 0.64 -23.72 6.78
CA SER A 31 1.81 -24.11 6.03
C SER A 31 2.82 -22.99 5.93
N TYR A 32 2.71 -22.03 6.84
CA TYR A 32 3.50 -20.81 6.79
C TYR A 32 4.87 -20.99 7.47
N LEU A 33 5.69 -21.90 6.94
CA LEU A 33 7.07 -22.08 7.42
C LEU A 33 8.15 -21.82 6.36
N ALA A 34 9.25 -21.22 6.79
CA ALA A 34 10.33 -20.90 5.87
C ALA A 34 11.63 -21.53 6.37
N TRP A 35 12.59 -21.78 5.46
CA TRP A 35 13.89 -22.28 5.86
C TRP A 35 14.99 -21.31 5.40
N TYR A 36 16.07 -21.20 6.17
CA TYR A 36 17.22 -20.34 5.83
C TYR A 36 18.52 -21.08 5.98
N GLN A 37 19.50 -20.61 5.23
CA GLN A 37 20.82 -21.18 5.25
C GLN A 37 21.72 -20.01 5.59
N GLN A 38 22.70 -20.27 6.45
CA GLN A 38 23.69 -19.25 6.82
C GLN A 38 25.04 -19.88 7.01
N LYS A 39 26.05 -19.30 6.38
CA LYS A 39 27.41 -19.78 6.43
C LYS A 39 28.21 -18.89 7.33
N GLN A 40 29.27 -19.45 7.90
CA GLN A 40 30.12 -18.68 8.81
C GLN A 40 30.42 -17.34 8.23
N GLY A 41 29.86 -16.29 8.84
CA GLY A 41 30.36 -14.96 8.58
C GLY A 41 29.58 -14.26 7.50
N LYS A 42 28.50 -14.92 7.08
CA LYS A 42 27.66 -14.38 6.03
C LYS A 42 26.30 -14.11 6.60
N SER A 43 25.51 -13.30 5.91
CA SER A 43 24.10 -13.11 6.29
C SER A 43 23.25 -14.31 5.82
N PRO A 44 22.17 -14.65 6.53
CA PRO A 44 21.30 -15.78 6.15
C PRO A 44 20.62 -15.64 4.78
N GLN A 45 20.31 -16.77 4.18
CA GLN A 45 19.72 -16.84 2.84
C GLN A 45 18.45 -17.67 2.82
N LEU A 46 17.38 -17.08 2.30
CA LEU A 46 16.11 -17.78 2.18
C LEU A 46 16.22 -18.93 1.20
N LEU A 47 15.75 -20.10 1.63
CA LEU A 47 15.81 -21.32 0.82
C LEU A 47 14.43 -21.80 0.37
N VAL A 48 13.51 -21.84 1.34
CA VAL A 48 12.15 -22.37 1.19
C VAL A 48 11.16 -21.48 1.97
N TYR A 49 10.07 -21.12 1.31
CA TYR A 49 8.93 -20.52 2.01
C TYR A 49 7.65 -21.28 1.70
N ASN A 50 6.61 -20.97 2.47
CA ASN A 50 5.34 -21.67 2.36
C ASN A 50 5.58 -23.17 2.52
N ALA A 51 6.52 -23.52 3.40
CA ALA A 51 6.80 -24.92 3.79
C ALA A 51 7.48 -25.83 2.72
N LYS A 52 7.22 -25.62 1.42
CA LYS A 52 7.84 -26.43 0.34
C LYS A 52 8.21 -25.73 -0.99
N THR A 53 8.08 -24.40 -1.10
CA THR A 53 8.43 -23.75 -2.35
C THR A 53 9.87 -23.27 -2.29
N LEU A 54 10.65 -23.58 -3.31
CA LEU A 54 12.04 -23.13 -3.29
C LEU A 54 12.15 -21.66 -3.69
N ALA A 55 13.10 -20.94 -3.08
CA ALA A 55 13.38 -19.58 -3.51
C ALA A 55 14.10 -19.68 -4.82
N GLU A 56 14.25 -18.54 -5.51
CA GLU A 56 14.95 -18.53 -6.78
C GLU A 56 16.44 -18.72 -6.62
N GLY A 57 17.01 -19.63 -7.41
CA GLY A 57 18.41 -19.93 -7.35
C GLY A 57 18.64 -21.21 -6.58
N VAL A 58 17.73 -21.50 -5.65
CA VAL A 58 17.95 -22.59 -4.72
C VAL A 58 18.00 -23.89 -5.50
N PRO A 59 19.11 -24.62 -5.34
CA PRO A 59 19.25 -25.92 -6.01
C PRO A 59 18.05 -26.83 -5.73
N SER A 60 17.76 -27.73 -6.66
CA SER A 60 16.62 -28.64 -6.52
C SER A 60 16.83 -29.69 -5.43
N ARG A 61 18.08 -30.03 -5.14
CA ARG A 61 18.45 -31.00 -4.12
C ARG A 61 17.83 -30.70 -2.71
N PHE A 62 17.57 -29.41 -2.42
CA PHE A 62 16.84 -28.93 -1.24
C PHE A 62 15.33 -29.15 -1.41
N SER A 63 14.64 -29.52 -0.33
CA SER A 63 13.24 -29.92 -0.46
C SER A 63 12.46 -29.85 0.87
N GLY A 64 11.49 -28.94 0.94
CA GLY A 64 10.76 -28.69 2.17
C GLY A 64 9.52 -29.53 2.09
N SER A 65 8.95 -29.86 3.25
CA SER A 65 7.70 -30.64 3.31
C SER A 65 7.05 -30.44 4.67
N GLY A 66 5.72 -30.58 4.71
CA GLY A 66 5.02 -30.57 5.96
C GLY A 66 3.84 -29.62 6.00
N SER A 67 3.12 -29.66 7.12
CA SER A 67 1.85 -28.97 7.26
C SER A 67 1.42 -28.99 8.71
N GLY A 68 0.82 -27.90 9.17
CA GLY A 68 0.29 -27.82 10.51
C GLY A 68 1.36 -27.66 11.56
N THR A 69 1.93 -28.78 12.01
CA THR A 69 2.93 -28.73 13.07
C THR A 69 4.16 -29.50 12.73
N GLN A 70 4.12 -30.31 11.69
CA GLN A 70 5.29 -31.08 11.35
C GLN A 70 5.95 -30.63 10.04
N PHE A 71 7.22 -30.25 10.12
CA PHE A 71 7.95 -29.83 8.94
C PHE A 71 9.31 -30.44 8.94
N SER A 72 9.90 -30.54 7.75
CA SER A 72 11.25 -31.09 7.63
C SER A 72 11.87 -30.51 6.39
N LEU A 73 13.18 -30.41 6.38
CA LEU A 73 13.91 -29.94 5.24
C LEU A 73 14.84 -31.08 4.82
N LYS A 74 14.65 -31.55 3.59
CA LYS A 74 15.52 -32.60 3.07
C LYS A 74 16.52 -31.98 2.14
N ILE A 75 17.80 -32.25 2.39
CA ILE A 75 18.85 -31.96 1.42
C ILE A 75 19.37 -33.27 0.81
N ASN A 76 19.04 -33.49 -0.45
CA ASN A 76 19.51 -34.68 -1.19
C ASN A 76 20.96 -34.55 -1.68
N SER A 77 21.68 -35.68 -1.69
CA SER A 77 23.06 -35.73 -2.16
C SER A 77 23.84 -34.48 -1.80
N LEU A 78 24.09 -34.27 -0.53
CA LEU A 78 24.85 -33.07 -0.11
C LEU A 78 26.08 -32.77 -1.00
N GLN A 79 26.33 -31.47 -1.17
CA GLN A 79 27.49 -30.94 -1.86
C GLN A 79 28.37 -30.05 -0.90
N PRO A 80 29.64 -29.81 -1.22
CA PRO A 80 30.52 -29.02 -0.30
C PRO A 80 29.89 -27.70 0.16
N GLU A 81 29.25 -26.97 -0.77
CA GLU A 81 28.62 -25.68 -0.48
C GLU A 81 27.47 -25.73 0.50
N ASP A 82 26.95 -26.93 0.70
CA ASP A 82 25.78 -27.14 1.54
C ASP A 82 26.13 -27.07 3.03
N PHE A 83 27.39 -27.25 3.39
CA PHE A 83 27.72 -27.31 4.81
C PHE A 83 27.79 -25.95 5.45
N GLY A 84 27.16 -25.83 6.61
CA GLY A 84 26.84 -24.56 7.26
C GLY A 84 25.67 -24.78 8.21
N SER A 85 24.88 -23.74 8.47
CA SER A 85 23.75 -23.91 9.39
C SER A 85 22.37 -23.64 8.79
N TYR A 86 21.36 -24.27 9.36
CA TYR A 86 20.01 -24.12 8.85
C TYR A 86 19.08 -23.60 9.95
N TYR A 87 18.12 -22.75 9.58
CA TYR A 87 17.09 -22.29 10.52
C TYR A 87 15.70 -22.36 9.93
N CYS A 88 14.75 -22.84 10.74
CA CYS A 88 13.35 -22.68 10.37
C CYS A 88 12.78 -21.44 11.00
N GLN A 89 11.69 -20.98 10.40
CA GLN A 89 10.96 -19.82 10.85
C GLN A 89 9.48 -19.80 10.41
N HIS A 90 8.59 -19.62 11.37
CA HIS A 90 7.20 -19.32 11.05
C HIS A 90 7.14 -17.93 10.40
N HIS A 91 6.48 -17.83 9.24
CA HIS A 91 6.56 -16.59 8.44
C HIS A 91 5.31 -15.79 8.03
N TYR A 92 4.08 -16.27 8.22
CA TYR A 92 2.95 -15.39 7.92
C TYR A 92 2.47 -14.52 9.08
N GLY A 93 2.54 -15.03 10.30
CA GLY A 93 2.07 -14.27 11.44
C GLY A 93 3.11 -14.02 12.52
N THR A 94 2.77 -13.06 13.38
CA THR A 94 3.55 -12.77 14.59
C THR A 94 3.25 -13.83 15.66
N PRO A 95 4.29 -14.32 16.33
CA PRO A 95 5.67 -13.90 16.11
C PRO A 95 6.40 -14.75 15.09
N LEU A 96 7.17 -14.10 14.21
CA LEU A 96 7.91 -14.80 13.19
C LEU A 96 9.11 -15.57 13.82
N THR A 97 8.77 -16.57 14.65
CA THR A 97 9.74 -17.26 15.50
C THR A 97 10.67 -18.18 14.73
N PHE A 98 11.96 -18.10 15.05
CA PHE A 98 12.99 -18.96 14.49
C PHE A 98 13.20 -20.21 15.32
N GLY A 99 13.54 -21.30 14.66
CA GLY A 99 14.05 -22.48 15.34
C GLY A 99 15.39 -22.13 15.96
N ALA A 100 15.95 -23.06 16.74
CA ALA A 100 17.24 -22.81 17.41
C ALA A 100 18.43 -22.93 16.47
N GLY A 101 18.24 -23.72 15.40
CA GLY A 101 19.26 -23.93 14.40
C GLY A 101 19.88 -25.31 14.43
N THR A 102 20.31 -25.75 13.24
CA THR A 102 21.04 -26.97 13.07
C THR A 102 22.37 -26.66 12.42
N LYS A 103 23.46 -27.08 13.04
CA LYS A 103 24.76 -26.96 12.41
C LYS A 103 25.08 -28.24 11.64
N LEU A 104 25.49 -28.11 10.38
CA LEU A 104 25.77 -29.23 9.50
C LEU A 104 27.24 -29.27 9.07
N GLU A 105 27.93 -30.33 9.45
CA GLU A 105 29.36 -30.38 9.24
C GLU A 105 29.78 -31.60 8.42
N LEU A 106 31.00 -31.56 7.92
CA LEU A 106 31.50 -32.51 6.96
C LEU A 106 32.20 -33.65 7.70
N LYS A 107 32.11 -34.86 7.17
CA LYS A 107 32.81 -35.99 7.76
C LYS A 107 34.06 -36.25 6.96
N ARG A 108 35.11 -36.75 7.61
CA ARG A 108 36.35 -37.19 7.00
C ARG A 108 36.89 -38.23 7.96
N ALA A 109 38.05 -38.79 7.66
CA ALA A 109 38.68 -39.77 8.53
C ALA A 109 39.39 -39.06 9.70
N ASP A 110 39.42 -39.70 10.87
CA ASP A 110 40.26 -39.30 12.02
C ASP A 110 41.64 -38.94 11.60
N ALA A 111 42.12 -37.86 12.19
CA ALA A 111 43.35 -37.26 11.76
C ALA A 111 44.09 -36.75 12.99
N ALA A 112 45.34 -37.20 13.15
CA ALA A 112 46.25 -36.73 14.20
C ALA A 112 46.62 -35.24 13.98
N PRO A 113 46.81 -34.47 15.05
CA PRO A 113 47.28 -33.08 14.93
C PRO A 113 48.76 -32.92 14.69
N THR A 114 49.08 -31.84 13.98
CA THR A 114 50.43 -31.31 13.88
C THR A 114 50.51 -30.30 14.99
N VAL A 115 51.27 -30.67 16.03
CA VAL A 115 51.43 -29.87 17.23
C VAL A 115 52.71 -29.01 17.14
N SER A 116 52.59 -27.71 17.41
CA SER A 116 53.79 -26.86 17.60
C SER A 116 53.81 -26.02 18.89
N ILE A 117 54.95 -26.01 19.55
CA ILE A 117 55.12 -25.20 20.76
C ILE A 117 56.05 -24.03 20.50
N PHE A 118 55.66 -22.88 21.03
CA PHE A 118 56.39 -21.64 20.91
C PHE A 118 56.68 -21.03 22.30
N PRO A 119 57.93 -20.66 22.53
CA PRO A 119 58.35 -20.01 23.76
C PRO A 119 57.88 -18.56 23.84
N PRO A 120 57.73 -17.98 25.03
CA PRO A 120 57.37 -16.59 25.15
C PRO A 120 58.29 -15.73 24.29
N SER A 121 57.73 -14.75 23.61
CA SER A 121 58.55 -13.84 22.80
C SER A 121 59.30 -12.86 23.70
N SER A 122 60.54 -12.57 23.33
CA SER A 122 61.35 -11.62 24.09
C SER A 122 60.66 -10.26 24.26
N GLU A 123 59.94 -9.84 23.21
CA GLU A 123 59.20 -8.58 23.22
C GLU A 123 58.13 -8.61 24.32
N GLN A 124 57.35 -9.71 24.38
CA GLN A 124 56.39 -9.90 25.47
C GLN A 124 57.09 -9.92 26.81
N LEU A 125 58.24 -10.60 26.91
CA LEU A 125 59.00 -10.59 28.15
C LEU A 125 59.31 -9.19 28.71
N THR A 126 59.71 -8.26 27.85
CA THR A 126 59.97 -6.87 28.29
C THR A 126 58.72 -6.17 28.84
N SER A 127 57.55 -6.61 28.39
CA SER A 127 56.27 -6.17 28.96
C SER A 127 55.82 -6.81 30.29
N GLY A 128 56.62 -7.74 30.84
CA GLY A 128 56.36 -8.33 32.16
C GLY A 128 55.57 -9.64 32.14
N GLY A 129 55.04 -9.99 30.96
CA GLY A 129 54.24 -11.19 30.79
C GLY A 129 54.93 -12.24 29.95
N ALA A 130 54.42 -13.46 29.99
CA ALA A 130 55.00 -14.53 29.22
C ALA A 130 53.91 -15.47 28.76
N SER A 131 53.68 -15.53 27.44
CA SER A 131 52.71 -16.50 26.90
C SER A 131 53.39 -17.64 26.15
N VAL A 132 53.16 -18.86 26.62
CA VAL A 132 53.59 -20.06 25.88
C VAL A 132 52.47 -20.54 24.98
N VAL A 133 52.73 -20.57 23.69
CA VAL A 133 51.69 -20.98 22.73
C VAL A 133 52.02 -22.31 22.11
N CYS A 134 50.96 -23.08 21.85
CA CYS A 134 51.07 -24.37 21.27
C CYS A 134 49.88 -24.59 20.33
N PHE A 135 50.17 -24.87 19.05
CA PHE A 135 49.17 -25.11 18.03
C PHE A 135 48.94 -26.62 17.79
N LEU A 136 47.68 -27.03 17.76
CA LEU A 136 47.38 -28.43 17.42
C LEU A 136 46.58 -28.33 16.13
N ASN A 137 47.26 -28.52 15.00
CA ASN A 137 46.71 -28.20 13.68
C ASN A 137 46.18 -29.38 12.88
N ASN A 138 45.10 -29.11 12.13
CA ASN A 138 44.48 -30.02 11.16
C ASN A 138 44.20 -31.41 11.71
N PHE A 139 43.22 -31.52 12.60
CA PHE A 139 42.91 -32.81 13.21
C PHE A 139 41.40 -33.13 13.13
N TYR A 140 41.04 -34.37 13.45
CA TYR A 140 39.65 -34.85 13.33
C TYR A 140 39.50 -36.10 14.14
N PRO A 141 38.45 -36.19 14.97
CA PRO A 141 37.46 -35.12 15.21
C PRO A 141 37.85 -33.96 16.16
N LYS A 142 36.90 -33.06 16.36
CA LYS A 142 37.06 -31.87 17.17
C LYS A 142 37.52 -32.09 18.62
N ASP A 143 37.04 -33.17 19.24
CA ASP A 143 37.46 -33.53 20.60
C ASP A 143 38.97 -33.77 20.73
N ILE A 144 39.58 -33.08 21.67
CA ILE A 144 40.99 -33.24 21.91
C ILE A 144 41.26 -32.66 23.27
N ASN A 145 42.25 -33.21 23.96
CA ASN A 145 42.70 -32.62 25.20
C ASN A 145 44.16 -32.15 25.13
N VAL A 146 44.46 -31.00 25.73
CA VAL A 146 45.82 -30.51 25.83
C VAL A 146 46.13 -30.37 27.32
N LYS A 147 47.32 -30.82 27.71
CA LYS A 147 47.77 -30.74 29.08
C LYS A 147 49.07 -29.97 29.10
N TRP A 148 49.17 -29.00 30.01
CA TRP A 148 50.38 -28.19 30.10
C TRP A 148 51.25 -28.66 31.22
N LYS A 149 52.57 -28.67 31.01
CA LYS A 149 53.47 -29.12 32.09
C LYS A 149 54.74 -28.30 32.14
N ILE A 150 55.02 -27.80 33.35
CA ILE A 150 56.18 -26.96 33.66
C ILE A 150 57.09 -27.74 34.62
N ASP A 151 58.34 -27.97 34.18
CA ASP A 151 59.27 -28.89 34.83
C ASP A 151 58.64 -30.25 35.18
N GLY A 152 57.56 -30.59 34.46
CA GLY A 152 56.94 -31.92 34.49
C GLY A 152 55.72 -32.04 35.39
N SER A 153 55.21 -30.91 35.85
CA SER A 153 54.04 -30.89 36.71
C SER A 153 52.97 -30.18 35.97
N GLU A 154 51.81 -30.83 35.88
CA GLU A 154 50.65 -30.29 35.19
C GLU A 154 50.31 -28.88 35.65
N ARG A 155 49.71 -28.11 34.76
CA ARG A 155 49.27 -26.77 35.10
C ARG A 155 47.97 -26.35 34.41
N GLN A 156 46.99 -26.03 35.25
CA GLN A 156 45.66 -25.67 34.78
C GLN A 156 45.38 -24.15 34.75
N ASN A 157 45.96 -23.41 35.70
CA ASN A 157 45.72 -21.97 35.78
C ASN A 157 46.38 -21.19 34.65
N GLY A 158 45.61 -20.32 34.00
CA GLY A 158 46.12 -19.43 32.96
C GLY A 158 46.15 -20.05 31.58
N VAL A 159 45.33 -21.07 31.38
CA VAL A 159 45.28 -21.75 30.11
C VAL A 159 44.03 -21.30 29.37
N LEU A 160 44.23 -20.60 28.26
CA LEU A 160 43.13 -20.26 27.37
C LEU A 160 43.19 -21.09 26.08
N ASN A 161 42.04 -21.63 25.67
CA ASN A 161 41.96 -22.46 24.45
C ASN A 161 40.93 -21.98 23.43
N SER A 162 41.28 -22.13 22.17
CA SER A 162 40.43 -21.68 21.09
C SER A 162 40.47 -22.66 19.90
N TRP A 163 39.28 -23.06 19.47
CA TRP A 163 39.14 -23.94 18.30
C TRP A 163 38.60 -23.19 17.06
N THR A 164 39.19 -23.43 15.89
CA THR A 164 38.63 -22.95 14.63
C THR A 164 37.35 -23.70 14.24
N ASP A 165 36.56 -23.09 13.35
CA ASP A 165 35.48 -23.79 12.67
C ASP A 165 36.06 -24.82 11.74
N GLN A 166 35.22 -25.75 11.26
CA GLN A 166 35.64 -26.75 10.29
C GLN A 166 36.38 -26.10 9.09
N ASP A 167 37.50 -26.70 8.73
CA ASP A 167 38.26 -26.23 7.57
C ASP A 167 37.46 -26.56 6.31
N SER A 168 37.36 -25.59 5.41
CA SER A 168 36.60 -25.73 4.18
C SER A 168 37.33 -26.48 3.07
N LYS A 169 38.64 -26.67 3.22
CA LYS A 169 39.40 -27.41 2.21
C LYS A 169 39.61 -28.89 2.57
N ASP A 170 40.01 -29.16 3.81
CA ASP A 170 40.29 -30.54 4.25
C ASP A 170 39.39 -31.03 5.41
N SER A 171 38.52 -30.16 5.91
CA SER A 171 37.52 -30.60 6.88
C SER A 171 38.06 -30.85 8.30
N THR A 172 39.33 -30.50 8.55
CA THR A 172 39.85 -30.68 9.93
C THR A 172 39.57 -29.47 10.79
N TYR A 173 39.99 -29.57 12.04
CA TYR A 173 39.83 -28.47 13.01
C TYR A 173 41.23 -28.20 13.51
N SER A 174 41.39 -27.04 14.12
CA SER A 174 42.67 -26.62 14.66
C SER A 174 42.38 -25.97 15.97
N MET A 175 43.21 -26.26 16.96
CA MET A 175 43.03 -25.66 18.24
C MET A 175 44.31 -24.93 18.53
N SER A 176 44.17 -23.87 19.30
CA SER A 176 45.30 -23.11 19.82
C SER A 176 45.25 -23.14 21.35
N SER A 177 46.39 -23.36 22.00
CA SER A 177 46.37 -23.44 23.46
C SER A 177 47.38 -22.46 24.03
N THR A 178 46.93 -21.55 24.87
CA THR A 178 47.82 -20.56 25.48
C THR A 178 47.96 -20.68 27.00
N LEU A 179 49.20 -20.85 27.48
CA LEU A 179 49.51 -20.78 28.92
C LEU A 179 50.16 -19.47 29.28
N THR A 180 49.45 -18.65 30.07
CA THR A 180 49.93 -17.32 30.43
C THR A 180 50.52 -17.28 31.82
N LEU A 181 51.74 -16.76 31.91
CA LEU A 181 52.39 -16.53 33.18
C LEU A 181 53.01 -15.15 33.14
N THR A 182 53.59 -14.75 34.28
CA THR A 182 54.42 -13.55 34.36
C THR A 182 55.86 -13.90 34.00
N LYS A 183 56.69 -12.90 33.74
CA LYS A 183 58.09 -13.12 33.35
C LYS A 183 58.87 -13.81 34.47
N ASP A 184 58.48 -13.48 35.72
CA ASP A 184 59.07 -14.08 36.89
C ASP A 184 58.74 -15.59 37.01
N GLU A 185 57.48 -15.93 37.32
CA GLU A 185 57.06 -17.32 37.37
C GLU A 185 57.71 -18.11 36.25
N TYR A 186 57.57 -17.61 35.03
CA TYR A 186 58.19 -18.21 33.86
C TYR A 186 59.71 -18.37 34.01
N GLU A 187 60.42 -17.28 34.30
CA GLU A 187 61.88 -17.31 34.44
C GLU A 187 62.37 -18.27 35.53
N ARG A 188 61.44 -18.66 36.40
CA ARG A 188 61.71 -19.50 37.57
C ARG A 188 61.67 -21.01 37.25
N HIS A 189 61.37 -21.36 35.99
CA HIS A 189 61.30 -22.76 35.55
C HIS A 189 62.01 -23.01 34.22
N ASN A 190 62.09 -24.27 33.80
CA ASN A 190 62.83 -24.62 32.58
C ASN A 190 62.00 -25.38 31.56
N SER A 191 61.47 -26.53 31.97
CA SER A 191 60.68 -27.38 31.09
C SER A 191 59.26 -26.84 30.85
N TYR A 192 58.92 -26.65 29.58
CA TYR A 192 57.58 -26.27 29.17
C TYR A 192 57.10 -27.31 28.15
N THR A 193 56.00 -27.98 28.50
CA THR A 193 55.55 -29.21 27.84
C THR A 193 54.10 -29.11 27.43
N CYS A 194 53.84 -29.38 26.16
CA CYS A 194 52.51 -29.39 25.59
C CYS A 194 52.22 -30.84 25.23
N GLU A 195 51.13 -31.39 25.80
CA GLU A 195 50.77 -32.80 25.57
C GLU A 195 49.41 -32.82 24.93
N ALA A 196 49.31 -33.48 23.76
CA ALA A 196 48.04 -33.57 23.08
C ALA A 196 47.50 -34.98 23.05
N THR A 197 46.33 -35.18 23.65
CA THR A 197 45.67 -36.49 23.70
C THR A 197 44.52 -36.57 22.70
N HIS A 198 44.56 -37.56 21.82
CA HIS A 198 43.59 -37.61 20.71
C HIS A 198 43.30 -39.03 20.29
N LYS A 199 42.02 -39.30 19.98
CA LYS A 199 41.63 -40.68 19.70
C LYS A 199 42.56 -41.32 18.68
N THR A 200 43.30 -40.50 17.94
CA THR A 200 44.18 -41.03 16.92
C THR A 200 45.39 -41.78 17.41
N SER A 201 45.75 -41.59 18.67
CA SER A 201 46.87 -42.36 19.24
C SER A 201 46.66 -42.69 20.73
N THR A 202 47.47 -43.60 21.23
CA THR A 202 47.41 -43.90 22.65
C THR A 202 48.35 -43.00 23.43
N SER A 203 49.51 -42.69 22.84
CA SER A 203 50.48 -41.79 23.45
C SER A 203 50.14 -40.38 23.04
N PRO A 204 50.06 -39.50 24.03
CA PRO A 204 49.85 -38.08 23.77
C PRO A 204 51.00 -37.64 22.90
N ILE A 205 50.75 -36.79 21.92
CA ILE A 205 51.84 -36.14 21.21
C ILE A 205 52.41 -35.08 22.13
N VAL A 206 53.63 -35.31 22.63
CA VAL A 206 54.32 -34.31 23.47
C VAL A 206 55.27 -33.39 22.69
N LYS A 207 55.06 -32.08 22.83
CA LYS A 207 55.98 -31.10 22.32
C LYS A 207 56.56 -30.26 23.46
N SER A 208 57.86 -29.98 23.40
CA SER A 208 58.56 -29.34 24.52
C SER A 208 59.76 -28.49 24.15
N PHE A 209 60.16 -27.63 25.08
CA PHE A 209 61.40 -26.87 24.94
C PHE A 209 61.92 -26.47 26.29
N ASN A 210 63.24 -26.29 26.35
CA ASN A 210 63.88 -25.89 27.57
C ASN A 210 64.30 -24.44 27.42
N ARG A 211 63.72 -23.58 28.26
CA ARG A 211 64.03 -22.15 28.36
C ARG A 211 65.51 -21.77 28.19
N ASN A 212 66.43 -22.63 28.64
CA ASN A 212 67.87 -22.29 28.63
C ASN A 212 68.60 -22.77 27.37
N GLU A 213 67.84 -23.19 26.37
CA GLU A 213 68.43 -23.73 25.14
C GLU A 213 68.11 -22.86 23.93
N GLN B 1 19.22 -3.53 -8.27
CA GLN B 1 19.18 -4.58 -7.22
C GLN B 1 18.66 -4.02 -5.92
N VAL B 2 17.80 -4.79 -5.26
CA VAL B 2 17.29 -4.43 -3.95
C VAL B 2 18.50 -4.49 -3.05
N LYS B 3 18.69 -3.46 -2.20
CA LYS B 3 19.88 -3.40 -1.34
C LYS B 3 19.63 -2.71 0.00
N LEU B 4 20.15 -3.33 1.05
CA LEU B 4 19.97 -2.86 2.40
C LEU B 4 21.34 -2.58 2.99
N LEU B 5 21.50 -1.38 3.56
CA LEU B 5 22.79 -0.86 3.96
C LEU B 5 22.72 -0.47 5.43
N GLU B 6 23.50 -1.13 6.26
CA GLU B 6 23.38 -0.91 7.68
C GLU B 6 24.53 -0.04 8.25
N SER B 7 24.30 0.49 9.44
CA SER B 7 25.30 1.34 10.11
C SER B 7 26.49 0.53 10.63
N GLY B 8 27.65 1.17 10.68
CA GLY B 8 28.85 0.52 11.16
C GLY B 8 28.81 0.06 12.62
N PRO B 9 29.82 -0.71 13.05
CA PRO B 9 29.84 -1.33 14.38
C PRO B 9 29.70 -0.31 15.52
N GLU B 10 29.17 -0.77 16.66
CA GLU B 10 29.06 0.09 17.85
C GLU B 10 29.74 -0.50 19.10
N LEU B 11 30.42 0.38 19.82
CA LEU B 11 30.94 0.08 21.14
C LEU B 11 30.28 1.05 22.13
N VAL B 12 29.34 0.53 22.91
CA VAL B 12 28.59 1.32 23.91
C VAL B 12 28.87 0.84 25.33
N LYS B 13 28.71 1.73 26.29
CA LYS B 13 28.77 1.36 27.70
C LYS B 13 27.45 0.73 28.13
N PRO B 14 27.47 -0.14 29.13
CA PRO B 14 26.23 -0.68 29.70
C PRO B 14 25.31 0.46 30.17
N GLY B 15 24.02 0.22 30.24
CA GLY B 15 23.08 1.22 30.71
C GLY B 15 22.78 2.33 29.70
N ALA B 16 23.54 2.37 28.61
CA ALA B 16 23.39 3.43 27.62
C ALA B 16 22.42 2.98 26.54
N SER B 17 22.36 3.70 25.42
CA SER B 17 21.52 3.28 24.32
C SER B 17 22.21 3.41 22.96
N VAL B 18 21.70 2.67 22.00
CA VAL B 18 22.22 2.77 20.66
C VAL B 18 21.08 2.86 19.67
N LYS B 19 21.38 3.46 18.52
CA LYS B 19 20.42 3.59 17.44
C LYS B 19 21.11 3.22 16.15
N MET B 20 20.57 2.23 15.43
CA MET B 20 21.15 1.84 14.14
C MET B 20 20.23 2.16 12.93
N SER B 21 20.82 2.05 11.74
CA SER B 21 20.17 2.47 10.49
C SER B 21 20.26 1.40 9.41
N CYS B 22 19.34 1.50 8.45
CA CYS B 22 19.21 0.56 7.37
C CYS B 22 18.70 1.35 6.18
N LYS B 23 19.58 1.66 5.20
CA LYS B 23 19.16 2.34 3.97
C LYS B 23 18.74 1.34 2.92
N ALA B 24 17.54 1.52 2.42
CA ALA B 24 16.95 0.57 1.51
C ALA B 24 16.87 1.19 0.11
N SER B 25 17.26 0.44 -0.92
CA SER B 25 17.12 0.93 -2.29
C SER B 25 16.81 -0.20 -3.26
N GLY B 26 16.33 0.18 -4.43
CA GLY B 26 16.08 -0.76 -5.49
C GLY B 26 14.69 -1.38 -5.42
N TYR B 27 13.84 -0.78 -4.59
CA TYR B 27 12.41 -1.08 -4.55
C TYR B 27 11.66 0.00 -3.76
N THR B 28 10.34 0.01 -3.94
CA THR B 28 9.48 0.97 -3.24
C THR B 28 9.47 0.74 -1.73
N PHE B 29 10.33 1.49 -1.05
CA PHE B 29 10.50 1.39 0.40
C PHE B 29 9.19 1.24 1.16
N THR B 30 8.15 1.98 0.77
CA THR B 30 6.87 1.92 1.51
C THR B 30 5.99 0.67 1.31
N SER B 31 6.37 -0.19 0.36
CA SER B 31 5.55 -1.34 -0.06
C SER B 31 5.81 -2.62 0.73
N TYR B 32 6.92 -2.66 1.46
CA TYR B 32 7.36 -3.85 2.20
C TYR B 32 7.70 -3.44 3.63
N VAL B 33 7.34 -4.28 4.59
CA VAL B 33 7.70 -4.03 5.99
C VAL B 33 9.17 -4.33 6.21
N MET B 34 9.69 -3.84 7.33
CA MET B 34 11.09 -4.01 7.71
C MET B 34 11.19 -4.64 9.10
N HIS B 35 11.71 -5.86 9.10
CA HIS B 35 11.95 -6.68 10.28
C HIS B 35 13.33 -6.43 10.83
N TRP B 36 13.48 -6.69 12.14
CA TRP B 36 14.78 -6.64 12.81
C TRP B 36 15.09 -7.97 13.51
N VAL B 37 16.31 -8.47 13.32
CA VAL B 37 16.70 -9.77 13.85
C VAL B 37 18.02 -9.64 14.61
N LYS B 38 18.04 -10.27 15.78
CA LYS B 38 19.21 -10.27 16.66
C LYS B 38 19.94 -11.62 16.60
N GLN B 39 21.27 -11.58 16.51
CA GLN B 39 22.05 -12.82 16.58
C GLN B 39 23.32 -12.63 17.42
N LYS B 40 23.41 -13.30 18.56
CA LYS B 40 24.59 -13.25 19.40
C LYS B 40 25.59 -14.18 18.74
N PRO B 41 26.89 -13.88 18.88
CA PRO B 41 27.99 -14.72 18.38
C PRO B 41 27.83 -16.22 18.61
N GLY B 42 28.09 -17.01 17.57
CA GLY B 42 27.95 -18.46 17.64
C GLY B 42 26.55 -18.96 17.96
N GLN B 43 25.57 -18.07 18.01
CA GLN B 43 24.23 -18.47 18.45
C GLN B 43 23.19 -18.31 17.35
N GLY B 44 21.92 -18.61 17.66
CA GLY B 44 20.81 -18.60 16.71
C GLY B 44 20.33 -17.24 16.17
N LEU B 45 19.32 -17.25 15.31
CA LEU B 45 18.69 -16.02 14.84
C LEU B 45 17.53 -15.73 15.74
N GLU B 46 17.29 -14.46 16.05
CA GLU B 46 16.16 -14.13 16.92
C GLU B 46 15.37 -12.94 16.40
N TRP B 47 14.08 -13.13 16.22
CA TRP B 47 13.21 -12.08 15.73
C TRP B 47 12.89 -11.01 16.81
N ILE B 48 12.92 -9.74 16.39
CA ILE B 48 12.62 -8.60 17.25
C ILE B 48 11.23 -7.94 17.03
N GLY B 49 10.90 -7.64 15.78
CA GLY B 49 9.64 -7.02 15.47
C GLY B 49 9.84 -6.43 14.10
N TYR B 50 8.88 -5.65 13.64
CA TYR B 50 9.04 -5.02 12.35
C TYR B 50 8.32 -3.70 12.31
N ILE B 51 8.76 -2.83 11.41
CA ILE B 51 8.10 -1.56 11.15
C ILE B 51 7.48 -1.60 9.75
N ASN B 52 6.22 -1.16 9.63
CA ASN B 52 5.65 -0.88 8.32
C ASN B 52 5.85 0.60 7.93
N PRO B 53 6.83 0.88 7.06
CA PRO B 53 7.15 2.26 6.63
C PRO B 53 5.97 3.05 6.06
N TYR B 54 4.93 2.38 5.56
CA TYR B 54 3.78 3.07 4.95
C TYR B 54 2.88 3.84 5.93
N ASN B 55 2.48 3.16 7.02
CA ASN B 55 1.67 3.77 8.07
C ASN B 55 2.40 3.93 9.41
N ASP B 56 3.68 3.57 9.43
CA ASP B 56 4.53 3.66 10.64
C ASP B 56 4.18 2.66 11.73
N GLY B 57 3.32 1.70 11.41
CA GLY B 57 2.88 0.66 12.35
C GLY B 57 3.98 -0.33 12.75
N THR B 58 3.88 -0.82 13.98
CA THR B 58 4.93 -1.68 14.51
C THR B 58 4.34 -2.90 15.18
N LYS B 59 5.10 -4.00 15.16
CA LYS B 59 4.73 -5.23 15.86
C LYS B 59 6.00 -5.82 16.48
N TYR B 60 5.95 -6.11 17.78
CA TYR B 60 7.18 -6.49 18.48
C TYR B 60 7.16 -7.88 19.04
N ASN B 61 8.35 -8.50 19.11
CA ASN B 61 8.52 -9.67 19.94
C ASN B 61 8.42 -9.25 21.41
N GLU B 62 7.47 -9.85 22.11
CA GLU B 62 7.20 -9.57 23.53
C GLU B 62 8.45 -9.26 24.36
N LYS B 63 9.55 -9.94 24.05
CA LYS B 63 10.74 -9.95 24.88
C LYS B 63 11.52 -8.66 24.67
N PHE B 64 11.44 -8.15 23.45
CA PHE B 64 12.12 -6.91 23.09
C PHE B 64 11.22 -5.70 23.23
N LYS B 65 10.05 -5.88 23.84
CA LYS B 65 9.13 -4.78 24.05
C LYS B 65 9.72 -3.89 25.14
N GLY B 66 10.07 -2.66 24.77
CA GLY B 66 10.64 -1.72 25.72
C GLY B 66 12.14 -1.96 25.88
N LYS B 67 12.72 -2.60 24.89
CA LYS B 67 14.15 -2.72 24.76
C LYS B 67 14.51 -2.09 23.43
N ALA B 68 13.70 -2.40 22.42
CA ALA B 68 13.89 -1.92 21.04
C ALA B 68 12.73 -1.04 20.60
N THR B 69 13.06 0.10 19.99
CA THR B 69 12.07 0.93 19.34
C THR B 69 12.39 1.01 17.85
N LEU B 70 11.38 0.81 17.01
CA LEU B 70 11.57 0.84 15.57
C LEU B 70 10.91 2.04 14.93
N THR B 71 11.59 2.59 13.94
CA THR B 71 11.10 3.77 13.24
C THR B 71 11.56 3.72 11.80
N SER B 72 11.03 4.64 10.99
CA SER B 72 11.41 4.70 9.59
C SER B 72 11.22 6.12 9.10
N ASP B 73 12.01 6.50 8.11
CA ASP B 73 11.84 7.79 7.46
C ASP B 73 11.57 7.58 5.97
N LYS B 74 10.34 7.91 5.56
CA LYS B 74 9.88 7.76 4.18
C LYS B 74 10.79 8.48 3.19
N SER B 75 11.09 9.74 3.47
CA SER B 75 11.79 10.58 2.51
C SER B 75 13.15 9.98 2.13
N SER B 76 13.83 9.38 3.09
CA SER B 76 15.19 8.90 2.87
C SER B 76 15.27 7.37 2.81
N SER B 77 14.16 6.69 2.53
CA SER B 77 14.17 5.23 2.41
C SER B 77 14.99 4.58 3.52
N THR B 78 14.81 5.02 4.76
CA THR B 78 15.63 4.56 5.89
C THR B 78 14.89 4.01 7.11
N ALA B 79 15.38 2.85 7.58
CA ALA B 79 14.78 2.16 8.71
C ALA B 79 15.69 2.26 9.95
N TYR B 80 15.09 2.46 11.13
CA TYR B 80 15.87 2.65 12.34
C TYR B 80 15.45 1.75 13.52
N MET B 81 16.44 1.29 14.29
CA MET B 81 16.17 0.57 15.53
C MET B 81 17.07 1.11 16.65
N GLU B 82 16.44 1.56 17.73
CA GLU B 82 17.13 2.04 18.92
C GLU B 82 17.03 0.98 20.02
N LEU B 83 18.12 0.76 20.76
CA LEU B 83 18.11 -0.17 21.89
C LEU B 83 18.53 0.59 23.12
N SER B 84 17.76 0.46 24.20
CA SER B 84 17.99 1.28 25.40
C SER B 84 18.44 0.44 26.61
N SER B 85 18.97 1.12 27.63
CA SER B 85 19.45 0.48 28.86
C SER B 85 20.31 -0.74 28.52
N LEU B 86 21.31 -0.51 27.69
CA LEU B 86 22.12 -1.59 27.11
C LEU B 86 22.87 -2.44 28.15
N THR B 87 22.62 -3.76 28.09
CA THR B 87 23.30 -4.74 28.94
C THR B 87 24.18 -5.64 28.05
N SER B 88 25.15 -6.31 28.67
CA SER B 88 26.06 -7.18 27.92
C SER B 88 25.29 -8.16 27.02
N GLU B 89 24.16 -8.66 27.52
CA GLU B 89 23.28 -9.56 26.79
C GLU B 89 22.65 -8.90 25.55
N ASP B 90 22.98 -7.63 25.31
CA ASP B 90 22.57 -6.97 24.08
C ASP B 90 23.67 -6.94 23.05
N SER B 91 24.81 -7.56 23.38
CA SER B 91 25.99 -7.59 22.51
C SER B 91 25.66 -8.64 21.50
N ALA B 92 25.59 -8.24 20.24
CA ALA B 92 25.06 -9.08 19.18
C ALA B 92 25.06 -8.34 17.86
N VAL B 93 25.08 -9.11 16.78
CA VAL B 93 24.88 -8.59 15.43
C VAL B 93 23.37 -8.42 15.27
N TYR B 94 22.96 -7.28 14.72
CA TYR B 94 21.57 -6.95 14.45
C TYR B 94 21.31 -6.75 12.92
N TYR B 95 20.27 -7.41 12.40
CA TYR B 95 19.96 -7.32 10.97
C TYR B 95 18.65 -6.64 10.71
N CYS B 96 18.59 -5.91 9.59
CA CYS B 96 17.33 -5.51 9.00
C CYS B 96 16.97 -6.41 7.81
N VAL B 97 15.70 -6.75 7.70
CA VAL B 97 15.21 -7.69 6.70
C VAL B 97 13.87 -7.26 6.08
N ARG B 98 13.87 -7.17 4.76
CA ARG B 98 12.67 -6.87 4.01
C ARG B 98 11.66 -8.04 4.06
N GLY B 99 10.36 -7.70 4.12
CA GLY B 99 9.29 -8.67 4.29
C GLY B 99 8.54 -9.14 3.05
N GLY B 100 9.24 -9.85 2.16
CA GLY B 100 8.58 -10.71 1.17
C GLY B 100 7.67 -10.17 0.08
N TYR B 101 6.48 -9.69 0.48
CA TYR B 101 5.38 -9.38 -0.45
C TYR B 101 4.91 -10.64 -1.17
N ARG B 102 3.97 -11.35 -0.55
CA ARG B 102 3.31 -12.43 -1.30
C ARG B 102 1.84 -12.02 -1.70
N PRO B 103 0.72 -12.56 -1.16
CA PRO B 103 0.55 -13.53 -0.04
C PRO B 103 1.36 -13.35 1.28
N TYR B 104 1.65 -14.51 1.89
CA TYR B 104 2.36 -14.61 3.18
C TYR B 104 3.80 -14.06 3.15
N TYR B 105 4.02 -12.96 3.88
CA TYR B 105 5.32 -12.27 3.89
C TYR B 105 6.49 -13.17 4.37
N ALA B 106 7.24 -13.68 3.41
CA ALA B 106 8.52 -14.34 3.71
C ALA B 106 9.64 -13.31 3.74
N MET B 107 10.48 -13.35 4.78
CA MET B 107 11.65 -12.48 4.83
C MET B 107 12.60 -12.89 3.72
N ASP B 108 12.87 -11.96 2.80
CA ASP B 108 13.75 -12.22 1.66
C ASP B 108 15.08 -11.43 1.61
N TYR B 109 15.08 -10.14 1.91
CA TYR B 109 16.34 -9.40 1.81
C TYR B 109 16.96 -8.97 3.13
N TRP B 110 18.17 -9.50 3.38
CA TRP B 110 18.97 -9.21 4.59
C TRP B 110 20.11 -8.25 4.31
N GLY B 111 20.33 -7.30 5.21
CA GLY B 111 21.48 -6.43 5.14
C GLY B 111 22.68 -7.15 5.70
N GLN B 112 23.82 -6.46 5.76
CA GLN B 112 25.06 -7.04 6.22
C GLN B 112 25.08 -7.16 7.75
N GLY B 113 24.23 -6.38 8.40
CA GLY B 113 24.12 -6.45 9.85
C GLY B 113 24.98 -5.41 10.50
N THR B 114 24.61 -5.04 11.75
CA THR B 114 25.33 -4.05 12.57
C THR B 114 25.73 -4.68 13.89
N SER B 115 27.03 -4.69 14.16
CA SER B 115 27.54 -5.25 15.41
C SER B 115 27.59 -4.29 16.58
N VAL B 116 27.03 -4.72 17.70
CA VAL B 116 27.04 -3.90 18.91
C VAL B 116 27.70 -4.66 20.04
N THR B 117 28.70 -4.03 20.66
CA THR B 117 29.37 -4.55 21.84
C THR B 117 28.98 -3.68 23.03
N VAL B 118 28.23 -4.23 23.96
CA VAL B 118 27.89 -3.49 25.17
C VAL B 118 28.87 -3.83 26.30
N SER B 119 29.86 -2.95 26.46
CA SER B 119 30.93 -3.11 27.45
C SER B 119 31.31 -1.79 28.11
N SER B 120 31.81 -1.87 29.35
CA SER B 120 32.46 -0.74 29.99
C SER B 120 33.94 -0.74 29.62
N ALA B 121 34.38 -1.89 29.12
CA ALA B 121 35.73 -2.05 28.64
C ALA B 121 35.93 -1.02 27.53
N LYS B 122 37.18 -0.60 27.31
CA LYS B 122 37.44 0.53 26.42
C LYS B 122 38.35 0.21 25.23
N THR B 123 38.15 0.93 24.12
CA THR B 123 38.93 0.68 22.89
C THR B 123 40.41 0.65 23.23
N THR B 124 41.08 -0.36 22.72
CA THR B 124 42.46 -0.66 23.07
C THR B 124 43.07 -1.37 21.84
N PRO B 125 44.27 -0.94 21.42
CA PRO B 125 44.98 -1.61 20.32
C PRO B 125 45.62 -2.91 20.83
N PRO B 126 45.94 -3.86 19.96
CA PRO B 126 46.64 -5.08 20.40
C PRO B 126 48.18 -4.96 20.41
N SER B 127 48.84 -5.78 21.24
CA SER B 127 50.28 -6.00 21.11
C SER B 127 50.45 -7.23 20.21
N VAL B 128 51.37 -7.19 19.26
CA VAL B 128 51.57 -8.26 18.28
C VAL B 128 52.94 -8.89 18.48
N TYR B 129 52.93 -10.12 18.98
CA TYR B 129 54.20 -10.75 19.35
C TYR B 129 54.48 -11.90 18.42
N PRO B 130 55.73 -12.00 17.96
CA PRO B 130 56.11 -13.04 17.01
C PRO B 130 56.12 -14.44 17.66
N LEU B 131 56.07 -15.49 16.86
CA LEU B 131 56.18 -16.87 17.33
C LEU B 131 57.07 -17.65 16.39
N ALA B 132 58.32 -17.75 16.80
CA ALA B 132 59.34 -18.50 16.10
C ALA B 132 59.78 -19.71 16.94
N PRO B 133 60.10 -20.81 16.27
CA PRO B 133 60.34 -22.12 16.89
C PRO B 133 61.08 -22.08 18.21
N SER B 141 60.51 -30.59 6.45
CA SER B 141 60.08 -30.04 5.15
C SER B 141 59.06 -28.92 5.29
N MET B 142 58.48 -28.82 6.49
CA MET B 142 57.62 -27.69 6.81
C MET B 142 58.09 -26.94 8.06
N VAL B 143 57.76 -25.65 8.11
CA VAL B 143 57.85 -24.88 9.34
C VAL B 143 56.52 -24.14 9.61
N THR B 144 56.10 -24.22 10.87
CA THR B 144 54.96 -23.51 11.40
C THR B 144 55.42 -22.29 12.19
N LEU B 145 55.13 -21.12 11.65
CA LEU B 145 55.40 -19.87 12.36
C LEU B 145 54.11 -19.33 12.96
N GLY B 146 54.24 -18.41 13.90
CA GLY B 146 53.05 -17.82 14.48
C GLY B 146 53.07 -16.33 14.73
N CYS B 147 51.97 -15.84 15.28
CA CYS B 147 51.77 -14.45 15.57
C CYS B 147 50.76 -14.40 16.70
N LEU B 148 51.05 -13.66 17.77
CA LEU B 148 50.11 -13.62 18.90
C LEU B 148 49.51 -12.23 19.12
N VAL B 149 48.19 -12.14 19.10
CA VAL B 149 47.56 -10.81 19.18
C VAL B 149 46.87 -10.63 20.52
N LYS B 150 47.53 -9.89 21.41
CA LYS B 150 47.11 -9.85 22.82
C LYS B 150 46.55 -8.51 23.28
N GLY B 151 45.45 -8.58 24.03
CA GLY B 151 44.94 -7.44 24.77
C GLY B 151 44.43 -6.31 23.91
N TYR B 152 43.48 -6.60 23.02
CA TYR B 152 42.84 -5.56 22.25
C TYR B 152 41.34 -5.52 22.56
N PHE B 153 40.67 -4.45 22.16
CA PHE B 153 39.22 -4.33 22.35
C PHE B 153 38.69 -3.16 21.56
N PRO B 154 37.49 -3.25 20.99
CA PRO B 154 36.70 -4.49 20.85
C PRO B 154 37.10 -5.32 19.63
N GLU B 155 36.27 -6.27 19.27
CA GLU B 155 36.48 -7.08 18.08
C GLU B 155 36.03 -6.25 16.90
N PRO B 156 36.49 -6.57 15.68
CA PRO B 156 37.41 -7.70 15.41
C PRO B 156 38.84 -7.23 15.03
N VAL B 157 39.73 -8.17 14.74
CA VAL B 157 41.02 -7.85 14.11
C VAL B 157 41.14 -8.73 12.89
N THR B 158 41.93 -8.28 11.91
CA THR B 158 42.15 -9.08 10.72
C THR B 158 43.60 -9.41 10.60
N VAL B 159 43.88 -10.64 10.22
CA VAL B 159 45.24 -11.07 10.09
C VAL B 159 45.41 -11.53 8.68
N THR B 160 46.56 -11.19 8.13
CA THR B 160 47.07 -11.79 6.90
C THR B 160 48.55 -12.06 7.15
N TRP B 161 49.14 -12.70 6.17
CA TRP B 161 50.52 -12.98 6.19
C TRP B 161 50.99 -12.55 4.82
N ASN B 162 52.05 -11.75 4.80
CA ASN B 162 52.58 -11.22 3.55
C ASN B 162 51.52 -10.58 2.65
N SER B 163 50.59 -9.86 3.30
CA SER B 163 49.49 -9.09 2.67
C SER B 163 48.68 -9.97 1.72
N GLY B 164 48.47 -11.21 2.15
CA GLY B 164 47.73 -12.17 1.38
C GLY B 164 48.57 -12.93 0.37
N SER B 165 49.86 -12.65 0.29
CA SER B 165 50.75 -13.51 -0.48
C SER B 165 50.64 -14.95 -0.02
N LEU B 166 50.67 -15.15 1.31
CA LEU B 166 50.52 -16.48 1.92
C LEU B 166 49.10 -16.71 2.43
N SER B 167 48.25 -17.35 1.63
CA SER B 167 46.85 -17.56 2.00
C SER B 167 46.65 -18.97 2.54
N SER B 168 47.37 -19.91 1.93
CA SER B 168 47.21 -21.33 2.19
C SER B 168 48.08 -21.70 3.37
N GLY B 169 47.56 -22.59 4.20
CA GLY B 169 48.21 -23.01 5.43
C GLY B 169 48.17 -21.99 6.58
N VAL B 170 47.05 -21.27 6.72
CA VAL B 170 46.88 -20.31 7.82
C VAL B 170 45.72 -20.72 8.71
N HIS B 171 45.93 -20.61 10.01
CA HIS B 171 44.89 -20.80 11.00
C HIS B 171 44.86 -19.55 11.88
N THR B 172 43.76 -18.83 11.83
CA THR B 172 43.60 -17.62 12.60
C THR B 172 42.43 -17.95 13.52
N PHE B 173 42.75 -18.17 14.80
CA PHE B 173 41.82 -18.70 15.79
C PHE B 173 40.93 -17.61 16.39
N PRO B 174 39.72 -17.98 16.76
CA PRO B 174 38.74 -17.06 17.38
C PRO B 174 39.27 -16.45 18.64
N ALA B 175 38.95 -15.18 18.88
CA ALA B 175 39.51 -14.48 20.03
C ALA B 175 38.88 -15.01 21.29
N VAL B 176 39.65 -15.01 22.38
CA VAL B 176 39.08 -15.29 23.69
C VAL B 176 39.26 -14.13 24.69
N LEU B 177 38.20 -13.82 25.44
CA LEU B 177 38.23 -12.80 26.46
C LEU B 177 39.23 -13.11 27.57
N GLN B 178 40.35 -12.41 27.54
CA GLN B 178 41.39 -12.53 28.56
C GLN B 178 41.32 -11.33 29.47
N SER B 179 40.51 -11.45 30.52
CA SER B 179 40.38 -10.41 31.55
C SER B 179 39.92 -9.06 30.96
N ASP B 180 38.67 -9.04 30.49
CA ASP B 180 38.04 -7.86 29.87
C ASP B 180 38.72 -7.36 28.57
N LEU B 181 39.74 -8.07 28.10
CA LEU B 181 40.39 -7.76 26.81
C LEU B 181 40.49 -9.01 25.95
N TYR B 182 40.53 -8.87 24.62
CA TYR B 182 40.65 -10.03 23.74
C TYR B 182 42.07 -10.44 23.36
N THR B 183 42.25 -11.77 23.26
CA THR B 183 43.48 -12.41 22.78
C THR B 183 43.19 -13.47 21.68
N LEU B 184 44.01 -13.46 20.65
CA LEU B 184 43.83 -14.33 19.52
C LEU B 184 45.23 -14.73 19.01
N SER B 185 45.33 -15.82 18.25
CA SER B 185 46.60 -16.15 17.61
C SER B 185 46.49 -16.63 16.18
N SER B 186 47.60 -16.64 15.45
CA SER B 186 47.55 -17.03 14.04
C SER B 186 48.78 -17.82 13.69
N SER B 187 48.58 -18.94 13.00
CA SER B 187 49.68 -19.80 12.59
C SER B 187 49.81 -19.84 11.07
N VAL B 188 51.03 -19.98 10.57
CA VAL B 188 51.29 -20.10 9.11
C VAL B 188 52.32 -21.20 8.89
N THR B 189 52.02 -22.12 7.98
CA THR B 189 52.95 -23.21 7.68
C THR B 189 53.51 -22.95 6.31
N VAL B 190 54.82 -23.06 6.17
CA VAL B 190 55.47 -22.81 4.89
C VAL B 190 56.64 -23.79 4.76
N PRO B 191 57.16 -23.98 3.53
CA PRO B 191 58.27 -24.91 3.29
C PRO B 191 59.55 -24.51 4.00
N SER B 192 60.19 -25.51 4.61
CA SER B 192 61.35 -25.31 5.44
C SER B 192 62.46 -24.53 4.69
N SER B 193 62.72 -24.92 3.44
CA SER B 193 63.71 -24.26 2.59
C SER B 193 63.48 -22.75 2.36
N THR B 194 62.22 -22.35 2.17
CA THR B 194 61.85 -20.94 1.98
C THR B 194 62.08 -20.02 3.20
N TRP B 195 62.26 -20.58 4.40
CA TRP B 195 62.38 -19.74 5.60
C TRP B 195 63.65 -20.05 6.37
N PRO B 196 64.40 -19.02 6.80
CA PRO B 196 63.97 -17.62 6.78
C PRO B 196 64.45 -16.83 5.58
N SER B 197 64.99 -17.50 4.57
CA SER B 197 65.42 -16.81 3.36
C SER B 197 64.33 -15.89 2.85
N GLU B 198 63.14 -16.45 2.58
CA GLU B 198 61.98 -15.61 2.27
C GLU B 198 61.42 -15.13 3.59
N THR B 199 61.12 -13.84 3.68
CA THR B 199 60.61 -13.23 4.90
C THR B 199 59.12 -13.54 5.08
N VAL B 200 58.68 -13.61 6.33
CA VAL B 200 57.30 -13.88 6.67
C VAL B 200 56.82 -12.79 7.62
N THR B 201 55.67 -12.23 7.35
CA THR B 201 55.23 -11.08 8.10
C THR B 201 53.76 -11.21 8.37
N CYS B 202 53.32 -11.00 9.61
CA CYS B 202 51.89 -11.02 9.87
C CYS B 202 51.42 -9.59 9.88
N ASN B 203 50.34 -9.35 9.15
CA ASN B 203 49.76 -8.02 9.06
C ASN B 203 48.49 -8.01 9.89
N VAL B 204 48.54 -7.33 11.05
CA VAL B 204 47.39 -7.27 11.95
C VAL B 204 46.71 -5.91 11.88
N ALA B 205 45.39 -5.87 11.81
CA ALA B 205 44.68 -4.60 11.76
C ALA B 205 43.61 -4.64 12.83
N HIS B 206 43.48 -3.53 13.54
CA HIS B 206 42.45 -3.37 14.55
C HIS B 206 41.68 -2.08 14.26
N PRO B 207 40.68 -2.17 13.37
CA PRO B 207 39.96 -0.98 12.89
C PRO B 207 39.32 -0.09 13.97
N ALA B 208 38.89 -0.63 15.09
CA ALA B 208 38.30 0.23 16.13
C ALA B 208 39.34 1.27 16.57
N SER B 209 40.60 0.86 16.61
CA SER B 209 41.66 1.75 17.04
C SER B 209 42.45 2.35 15.87
N SER B 210 42.07 2.02 14.63
CA SER B 210 42.76 2.47 13.41
C SER B 210 44.29 2.21 13.50
N THR B 211 44.64 1.04 14.00
CA THR B 211 46.02 0.61 14.20
C THR B 211 46.31 -0.54 13.26
N LYS B 212 47.44 -0.48 12.58
CA LYS B 212 47.83 -1.58 11.70
C LYS B 212 49.21 -2.01 12.19
N VAL B 213 49.38 -3.32 12.40
CA VAL B 213 50.67 -3.84 12.87
C VAL B 213 51.30 -4.84 11.92
N ASP B 214 52.62 -4.84 11.88
CA ASP B 214 53.38 -5.69 10.98
C ASP B 214 54.66 -6.29 11.55
N LYS B 215 54.49 -7.41 12.23
CA LYS B 215 55.60 -8.21 12.72
C LYS B 215 56.23 -9.08 11.66
N LYS B 216 57.54 -8.91 11.51
CA LYS B 216 58.38 -9.84 10.78
C LYS B 216 58.77 -10.95 11.75
N ILE B 217 58.70 -12.19 11.28
CA ILE B 217 59.08 -13.33 12.08
C ILE B 217 60.57 -13.66 11.97
N VAL B 218 61.30 -13.22 13.00
CA VAL B 218 62.73 -13.38 13.04
C VAL B 218 63.01 -14.72 13.65
N PRO B 219 63.85 -15.50 12.99
CA PRO B 219 64.37 -16.73 13.60
C PRO B 219 65.22 -16.31 14.79
N ARG B 220 64.92 -16.87 15.96
CA ARG B 220 65.60 -16.51 17.20
C ARG B 220 67.14 -16.65 17.11
N GLU C 1 -16.23 -5.48 -25.26
CA GLU C 1 -15.66 -5.63 -23.89
C GLU C 1 -16.72 -6.26 -22.98
N LEU C 2 -16.62 -6.06 -21.67
CA LEU C 2 -17.70 -6.49 -20.74
C LEU C 2 -19.00 -5.70 -21.03
N GLN C 3 -20.14 -6.36 -20.83
CA GLN C 3 -21.43 -5.74 -21.13
C GLN C 3 -22.49 -6.13 -20.10
N MET C 4 -23.05 -5.10 -19.48
CA MET C 4 -24.14 -5.17 -18.51
C MET C 4 -25.42 -4.72 -19.17
N THR C 5 -26.47 -5.53 -19.05
CA THR C 5 -27.80 -5.11 -19.44
C THR C 5 -28.67 -5.02 -18.18
N GLN C 6 -29.22 -3.83 -17.96
CA GLN C 6 -30.12 -3.59 -16.84
C GLN C 6 -31.52 -3.52 -17.42
N SER C 7 -32.48 -4.08 -16.70
CA SER C 7 -33.88 -3.99 -17.06
C SER C 7 -34.69 -3.77 -15.83
N PRO C 8 -35.84 -3.11 -15.95
CA PRO C 8 -36.24 -2.38 -17.16
C PRO C 8 -35.58 -1.00 -17.22
N ALA C 9 -35.75 -0.29 -18.33
CA ALA C 9 -35.36 1.11 -18.42
C ALA C 9 -36.18 1.94 -17.42
N SER C 10 -37.51 1.84 -17.46
CA SER C 10 -38.31 2.50 -16.40
C SER C 10 -39.37 1.58 -15.80
N LEU C 11 -39.77 1.89 -14.58
CA LEU C 11 -40.79 1.13 -13.84
C LEU C 11 -41.55 2.09 -12.93
N SER C 12 -42.83 1.74 -12.72
CA SER C 12 -43.73 2.44 -11.83
C SER C 12 -44.25 1.49 -10.74
N ALA C 13 -44.47 2.04 -9.53
CA ALA C 13 -44.97 1.27 -8.40
C ALA C 13 -45.60 2.12 -7.30
N SER C 14 -46.28 1.45 -6.38
CA SER C 14 -46.94 2.14 -5.29
C SER C 14 -46.09 1.84 -4.10
N VAL C 15 -46.21 2.69 -3.06
CA VAL C 15 -45.56 2.41 -1.79
C VAL C 15 -46.17 1.12 -1.25
N GLY C 16 -45.40 0.37 -0.47
CA GLY C 16 -45.86 -0.89 0.07
C GLY C 16 -45.67 -2.04 -0.92
N GLU C 17 -45.44 -1.69 -2.18
CA GLU C 17 -45.24 -2.70 -3.24
C GLU C 17 -43.78 -3.14 -3.48
N THR C 18 -43.60 -4.37 -3.90
CA THR C 18 -42.29 -4.96 -4.14
C THR C 18 -41.93 -5.05 -5.64
N VAL C 19 -40.74 -4.54 -5.96
CA VAL C 19 -40.21 -4.55 -7.30
C VAL C 19 -38.84 -5.22 -7.40
N THR C 20 -38.48 -5.63 -8.61
CA THR C 20 -37.25 -6.33 -8.92
C THR C 20 -36.54 -5.68 -10.10
N ILE C 21 -35.28 -5.37 -9.94
CA ILE C 21 -34.50 -4.79 -11.03
C ILE C 21 -33.51 -5.82 -11.40
N THR C 22 -33.30 -6.01 -12.70
CA THR C 22 -32.37 -7.02 -13.14
C THR C 22 -31.15 -6.43 -13.88
N CYS C 23 -30.09 -7.25 -13.85
CA CYS C 23 -28.80 -6.97 -14.45
C CYS C 23 -28.16 -8.23 -15.01
N ARG C 24 -27.82 -8.23 -16.30
CA ARG C 24 -27.15 -9.37 -16.92
C ARG C 24 -25.68 -9.11 -17.34
N ALA C 25 -24.75 -9.92 -16.87
CA ALA C 25 -23.35 -9.78 -17.27
C ALA C 25 -23.02 -10.66 -18.46
N SER C 26 -22.26 -10.14 -19.41
CA SER C 26 -22.02 -10.79 -20.69
C SER C 26 -20.92 -11.85 -20.58
N GLU C 27 -20.37 -12.00 -19.36
CA GLU C 27 -19.32 -12.97 -19.08
C GLU C 27 -19.29 -13.18 -17.57
N ASN C 28 -18.70 -14.29 -17.13
CA ASN C 28 -18.68 -14.63 -15.71
C ASN C 28 -17.99 -13.53 -14.88
N ILE C 29 -18.77 -12.89 -14.01
CA ILE C 29 -18.23 -11.88 -13.12
C ILE C 29 -18.28 -12.36 -11.67
N TYR C 30 -18.29 -13.69 -11.52
CA TYR C 30 -18.41 -14.37 -10.23
C TYR C 30 -19.44 -13.65 -9.36
N SER C 31 -19.02 -12.88 -8.37
CA SER C 31 -20.00 -12.23 -7.50
C SER C 31 -19.79 -10.72 -7.42
N TYR C 32 -18.92 -10.20 -8.29
CA TYR C 32 -18.48 -8.82 -8.24
C TYR C 32 -19.45 -7.81 -8.91
N LEU C 33 -20.59 -7.54 -8.27
CA LEU C 33 -21.56 -6.57 -8.76
C LEU C 33 -22.09 -5.69 -7.65
N ALA C 34 -22.27 -4.41 -7.95
CA ALA C 34 -22.83 -3.48 -6.97
C ALA C 34 -24.08 -2.73 -7.45
N TRP C 35 -24.95 -2.36 -6.50
CA TRP C 35 -26.10 -1.54 -6.84
C TRP C 35 -25.99 -0.14 -6.25
N TYR C 36 -26.34 0.85 -7.08
CA TYR C 36 -26.36 2.25 -6.65
C TYR C 36 -27.77 2.82 -6.81
N GLN C 37 -28.09 3.74 -5.92
CA GLN C 37 -29.29 4.56 -6.00
C GLN C 37 -28.86 6.02 -6.27
N GLN C 38 -29.59 6.71 -7.15
CA GLN C 38 -29.37 8.15 -7.42
C GLN C 38 -30.69 8.89 -7.53
N LYS C 39 -30.85 9.87 -6.64
CA LYS C 39 -32.03 10.71 -6.61
C LYS C 39 -31.75 11.98 -7.36
N GLN C 40 -32.79 12.61 -7.90
CA GLN C 40 -32.60 13.74 -8.81
C GLN C 40 -31.74 14.79 -8.14
N GLY C 41 -30.71 15.22 -8.85
CA GLY C 41 -29.93 16.34 -8.39
C GLY C 41 -28.87 15.93 -7.38
N LYS C 42 -28.85 14.65 -7.02
CA LYS C 42 -27.87 14.20 -6.06
C LYS C 42 -26.83 13.23 -6.65
N SER C 43 -25.67 13.23 -6.01
CA SER C 43 -24.68 12.20 -6.23
C SER C 43 -25.19 10.80 -5.89
N PRO C 44 -24.81 9.80 -6.68
CA PRO C 44 -25.19 8.40 -6.44
C PRO C 44 -24.68 7.84 -5.11
N GLN C 45 -25.41 6.89 -4.54
CA GLN C 45 -25.02 6.26 -3.28
C GLN C 45 -24.95 4.74 -3.39
N LEU C 46 -23.90 4.15 -2.84
CA LEU C 46 -23.77 2.68 -2.76
C LEU C 46 -24.84 2.02 -1.88
N LEU C 47 -25.53 1.02 -2.43
CA LEU C 47 -26.55 0.25 -1.72
C LEU C 47 -26.07 -1.16 -1.46
N VAL C 48 -25.65 -1.84 -2.54
CA VAL C 48 -25.21 -3.23 -2.43
C VAL C 48 -23.87 -3.45 -3.13
N TYR C 49 -22.95 -4.12 -2.46
CA TYR C 49 -21.69 -4.56 -3.08
C TYR C 49 -21.47 -6.06 -2.91
N ASN C 50 -20.53 -6.60 -3.67
CA ASN C 50 -20.26 -8.04 -3.68
C ASN C 50 -21.51 -8.86 -4.00
N ALA C 51 -22.45 -8.26 -4.74
CA ALA C 51 -23.67 -8.92 -5.18
C ALA C 51 -24.86 -8.88 -4.22
N LYS C 52 -24.62 -9.21 -2.95
CA LYS C 52 -25.73 -9.35 -1.98
C LYS C 52 -25.51 -8.69 -0.63
N THR C 53 -24.34 -8.06 -0.40
CA THR C 53 -24.09 -7.36 0.87
C THR C 53 -24.60 -5.92 0.90
N LEU C 54 -25.43 -5.60 1.88
CA LEU C 54 -25.91 -4.23 2.07
C LEU C 54 -24.78 -3.34 2.54
N ALA C 55 -24.78 -2.11 2.06
CA ALA C 55 -23.85 -1.12 2.54
C ALA C 55 -24.35 -0.68 3.92
N GLU C 56 -23.61 0.18 4.60
CA GLU C 56 -24.03 0.65 5.92
C GLU C 56 -25.15 1.68 5.86
N GLY C 57 -26.14 1.44 6.69
CA GLY C 57 -27.30 2.31 6.80
C GLY C 57 -28.40 1.83 5.89
N VAL C 58 -28.06 1.03 4.87
CA VAL C 58 -29.02 0.65 3.85
C VAL C 58 -30.13 -0.14 4.51
N PRO C 59 -31.36 0.34 4.36
CA PRO C 59 -32.54 -0.35 4.90
C PRO C 59 -32.57 -1.82 4.53
N SER C 60 -33.17 -2.61 5.41
CA SER C 60 -33.22 -4.06 5.26
C SER C 60 -34.01 -4.46 4.04
N ARG C 61 -34.93 -3.59 3.60
CA ARG C 61 -35.85 -3.89 2.49
C ARG C 61 -35.19 -4.06 1.11
N PHE C 62 -33.99 -3.49 0.93
CA PHE C 62 -33.17 -3.76 -0.27
C PHE C 62 -32.49 -5.12 -0.15
N SER C 63 -32.35 -5.78 -1.31
CA SER C 63 -31.82 -7.13 -1.37
C SER C 63 -31.24 -7.45 -2.75
N GLY C 64 -29.96 -7.80 -2.78
CA GLY C 64 -29.28 -8.24 -3.97
C GLY C 64 -29.17 -9.74 -3.96
N SER C 65 -28.98 -10.34 -5.13
CA SER C 65 -28.81 -11.78 -5.24
C SER C 65 -28.30 -12.08 -6.64
N GLY C 66 -27.62 -13.23 -6.78
CA GLY C 66 -27.02 -13.60 -8.05
C GLY C 66 -25.57 -14.02 -8.06
N SER C 67 -25.12 -14.43 -9.25
CA SER C 67 -23.77 -14.95 -9.45
C SER C 67 -23.51 -15.22 -10.92
N GLY C 68 -22.27 -14.97 -11.33
CA GLY C 68 -21.84 -15.25 -12.69
C GLY C 68 -22.35 -14.19 -13.63
N THR C 69 -23.64 -14.28 -13.95
CA THR C 69 -24.27 -13.42 -14.95
C THR C 69 -25.69 -13.05 -14.62
N GLN C 70 -26.27 -13.67 -13.61
CA GLN C 70 -27.62 -13.30 -13.26
C GLN C 70 -27.73 -12.57 -11.92
N PHE C 71 -28.06 -11.29 -11.99
CA PHE C 71 -28.21 -10.54 -10.76
C PHE C 71 -29.56 -9.88 -10.71
N SER C 72 -30.08 -9.68 -9.52
CA SER C 72 -31.21 -8.79 -9.39
C SER C 72 -31.15 -7.98 -8.11
N LEU C 73 -31.97 -6.94 -8.09
CA LEU C 73 -32.14 -6.15 -6.88
C LEU C 73 -33.62 -6.15 -6.54
N LYS C 74 -33.94 -6.65 -5.36
CA LYS C 74 -35.30 -6.59 -4.85
C LYS C 74 -35.40 -5.42 -3.86
N ILE C 75 -36.37 -4.54 -4.05
CA ILE C 75 -36.76 -3.60 -2.99
C ILE C 75 -38.11 -4.06 -2.49
N ASN C 76 -38.15 -4.42 -1.21
CA ASN C 76 -39.38 -4.91 -0.58
C ASN C 76 -40.18 -3.75 -0.08
N SER C 77 -41.50 -3.81 -0.19
CA SER C 77 -42.37 -2.73 0.30
C SER C 77 -41.80 -1.31 0.11
N LEU C 78 -41.66 -0.89 -1.13
CA LEU C 78 -41.22 0.48 -1.46
C LEU C 78 -41.76 1.55 -0.52
N GLN C 79 -40.89 2.49 -0.19
CA GLN C 79 -41.20 3.62 0.64
C GLN C 79 -41.00 4.89 -0.19
N PRO C 80 -41.62 6.01 0.19
CA PRO C 80 -41.52 7.25 -0.61
C PRO C 80 -40.08 7.62 -1.02
N GLU C 81 -39.14 7.45 -0.12
CA GLU C 81 -37.75 7.79 -0.37
C GLU C 81 -37.04 6.80 -1.33
N ASP C 82 -37.70 5.70 -1.73
CA ASP C 82 -37.02 4.71 -2.57
C ASP C 82 -37.04 5.12 -4.06
N PHE C 83 -37.97 5.99 -4.39
CA PHE C 83 -38.16 6.45 -5.73
C PHE C 83 -37.01 7.29 -6.19
N GLY C 84 -36.43 6.84 -7.30
CA GLY C 84 -35.29 7.48 -7.93
C GLY C 84 -34.83 6.56 -9.00
N SER C 85 -33.54 6.58 -9.33
CA SER C 85 -32.97 5.69 -10.36
C SER C 85 -31.91 4.76 -9.75
N TYR C 86 -31.74 3.58 -10.34
CA TYR C 86 -30.85 2.55 -9.86
C TYR C 86 -29.91 2.13 -10.99
N TYR C 87 -28.72 1.69 -10.64
CA TYR C 87 -27.69 1.30 -11.61
C TYR C 87 -26.91 0.15 -11.00
N CYS C 88 -26.60 -0.85 -11.82
CA CYS C 88 -25.69 -1.92 -11.40
C CYS C 88 -24.32 -1.63 -11.99
N GLN C 89 -23.29 -2.13 -11.34
CA GLN C 89 -21.92 -1.99 -11.83
C GLN C 89 -21.08 -3.22 -11.41
N HIS C 90 -20.23 -3.69 -12.32
CA HIS C 90 -19.25 -4.72 -11.99
C HIS C 90 -18.11 -4.01 -11.26
N HIS C 91 -17.62 -4.58 -10.16
CA HIS C 91 -16.70 -3.82 -9.31
C HIS C 91 -15.28 -4.33 -8.98
N TYR C 92 -14.96 -5.62 -9.10
CA TYR C 92 -13.56 -6.00 -8.80
C TYR C 92 -12.58 -5.69 -9.93
N GLY C 93 -12.91 -6.08 -11.16
CA GLY C 93 -12.00 -5.98 -12.29
C GLY C 93 -12.27 -4.83 -13.25
N THR C 94 -11.39 -4.67 -14.24
CA THR C 94 -11.66 -3.73 -15.34
C THR C 94 -12.40 -4.44 -16.46
N PRO C 95 -13.29 -3.70 -17.15
CA PRO C 95 -13.74 -2.39 -16.73
C PRO C 95 -14.92 -2.44 -15.77
N LEU C 96 -15.09 -1.37 -15.00
CA LEU C 96 -16.06 -1.31 -13.94
C LEU C 96 -17.40 -0.76 -14.45
N THR C 97 -17.96 -1.48 -15.42
CA THR C 97 -19.08 -1.00 -16.24
C THR C 97 -20.39 -0.83 -15.51
N PHE C 98 -21.17 0.14 -15.95
CA PHE C 98 -22.50 0.37 -15.40
C PHE C 98 -23.59 -0.22 -16.29
N GLY C 99 -24.66 -0.69 -15.67
CA GLY C 99 -25.90 -0.89 -16.38
C GLY C 99 -26.38 0.49 -16.80
N ALA C 100 -27.32 0.53 -17.76
CA ALA C 100 -27.80 1.81 -18.29
C ALA C 100 -28.72 2.52 -17.32
N GLY C 101 -29.17 1.84 -16.28
CA GLY C 101 -29.96 2.51 -15.25
C GLY C 101 -31.42 2.16 -15.29
N THR C 102 -32.07 2.18 -14.12
CA THR C 102 -33.51 1.94 -14.09
C THR C 102 -34.17 3.10 -13.38
N LYS C 103 -35.07 3.79 -14.06
CA LYS C 103 -35.82 4.84 -13.40
C LYS C 103 -37.05 4.28 -12.68
N LEU C 104 -37.24 4.63 -11.41
CA LEU C 104 -38.38 4.11 -10.62
C LEU C 104 -39.29 5.25 -10.22
N GLU C 105 -40.53 5.20 -10.67
CA GLU C 105 -41.46 6.29 -10.39
C GLU C 105 -42.71 5.84 -9.62
N LEU C 106 -43.39 6.78 -9.01
CA LEU C 106 -44.50 6.50 -8.12
C LEU C 106 -45.82 6.48 -8.87
N LYS C 107 -46.73 5.62 -8.46
CA LYS C 107 -48.05 5.67 -9.07
C LYS C 107 -49.06 6.46 -8.24
N ARG C 108 -50.02 7.04 -8.94
CA ARG C 108 -51.15 7.77 -8.35
C ARG C 108 -52.32 7.67 -9.29
N ALA C 109 -53.45 8.24 -8.93
CA ALA C 109 -54.58 8.19 -9.85
C ALA C 109 -54.37 9.24 -10.94
N ASP C 110 -54.92 9.02 -12.13
CA ASP C 110 -54.96 10.01 -13.20
C ASP C 110 -55.51 11.30 -12.69
N ALA C 111 -54.94 12.40 -13.18
CA ALA C 111 -55.33 13.74 -12.79
C ALA C 111 -55.33 14.71 -14.00
N ALA C 112 -56.32 15.58 -14.07
CA ALA C 112 -56.38 16.61 -15.12
C ALA C 112 -55.41 17.75 -14.81
N PRO C 113 -54.84 18.37 -15.84
CA PRO C 113 -53.97 19.54 -15.65
C PRO C 113 -54.76 20.81 -15.39
N THR C 114 -54.18 21.65 -14.56
CA THR C 114 -54.62 23.01 -14.38
C THR C 114 -53.83 23.74 -15.42
N VAL C 115 -54.56 24.31 -16.36
CA VAL C 115 -53.94 24.95 -17.51
C VAL C 115 -54.06 26.49 -17.40
N SER C 116 -52.95 27.21 -17.55
CA SER C 116 -53.00 28.67 -17.62
C SER C 116 -52.21 29.22 -18.79
N ILE C 117 -52.83 30.15 -19.53
CA ILE C 117 -52.19 30.77 -20.68
C ILE C 117 -51.76 32.20 -20.34
N PHE C 118 -50.55 32.59 -20.70
CA PHE C 118 -50.13 33.98 -20.58
C PHE C 118 -49.67 34.55 -21.92
N PRO C 119 -50.07 35.78 -22.20
CA PRO C 119 -49.68 36.49 -23.43
C PRO C 119 -48.25 36.99 -23.34
N PRO C 120 -47.62 37.33 -24.47
CA PRO C 120 -46.37 38.08 -24.44
C PRO C 120 -46.51 39.23 -23.47
N SER C 121 -45.56 39.33 -22.53
CA SER C 121 -45.37 40.56 -21.73
C SER C 121 -44.98 41.73 -22.64
N SER C 122 -45.38 42.93 -22.26
CA SER C 122 -45.07 44.17 -22.99
C SER C 122 -43.58 44.48 -23.06
N GLU C 123 -42.83 43.92 -22.11
CA GLU C 123 -41.40 44.14 -22.04
C GLU C 123 -40.64 43.37 -23.11
N GLN C 124 -40.99 42.11 -23.30
CA GLN C 124 -40.37 41.28 -24.33
C GLN C 124 -40.74 41.83 -25.67
N LEU C 125 -41.95 42.35 -25.82
CA LEU C 125 -42.31 42.96 -27.09
C LEU C 125 -41.32 44.08 -27.50
N THR C 126 -40.78 44.81 -26.55
CA THR C 126 -39.82 45.86 -26.93
C THR C 126 -38.53 45.27 -27.46
N SER C 127 -38.37 43.97 -27.26
CA SER C 127 -37.20 43.27 -27.77
C SER C 127 -37.39 42.65 -29.16
N GLY C 128 -38.53 42.89 -29.80
CA GLY C 128 -38.82 42.37 -31.13
C GLY C 128 -39.28 40.92 -31.11
N GLY C 129 -39.37 40.37 -29.90
CA GLY C 129 -39.73 38.98 -29.70
C GLY C 129 -40.98 38.87 -28.86
N ALA C 130 -41.69 37.75 -28.99
CA ALA C 130 -42.94 37.56 -28.28
C ALA C 130 -43.14 36.09 -27.93
N SER C 131 -43.23 35.80 -26.62
CA SER C 131 -43.41 34.43 -26.16
C SER C 131 -44.74 34.18 -25.46
N VAL C 132 -45.51 33.26 -26.03
CA VAL C 132 -46.80 32.87 -25.48
C VAL C 132 -46.66 31.59 -24.69
N VAL C 133 -46.96 31.68 -23.41
CA VAL C 133 -46.64 30.62 -22.47
C VAL C 133 -47.93 30.03 -22.00
N CYS C 134 -47.88 28.79 -21.58
CA CYS C 134 -49.06 28.12 -21.15
C CYS C 134 -48.61 26.96 -20.29
N PHE C 135 -49.10 26.96 -19.04
CA PHE C 135 -48.66 26.00 -18.05
C PHE C 135 -49.72 24.97 -17.98
N LEU C 136 -49.26 23.73 -17.99
CA LEU C 136 -50.13 22.59 -17.85
C LEU C 136 -49.70 21.93 -16.51
N ASN C 137 -50.42 22.27 -15.43
CA ASN C 137 -49.91 21.99 -14.08
C ASN C 137 -50.56 20.78 -13.33
N ASN C 138 -49.73 20.01 -12.63
CA ASN C 138 -50.18 18.89 -11.77
C ASN C 138 -51.04 17.81 -12.44
N PHE C 139 -50.49 17.11 -13.42
CA PHE C 139 -51.29 16.11 -14.15
C PHE C 139 -50.70 14.72 -14.08
N TYR C 140 -51.52 13.70 -14.32
CA TYR C 140 -51.06 12.33 -14.25
C TYR C 140 -51.98 11.55 -15.13
N PRO C 141 -51.44 10.72 -16.02
CA PRO C 141 -49.99 10.54 -16.18
C PRO C 141 -49.27 11.60 -17.06
N LYS C 142 -47.97 11.36 -17.28
CA LYS C 142 -47.08 12.26 -18.00
C LYS C 142 -47.48 12.51 -19.45
N ASP C 143 -47.84 11.46 -20.19
CA ASP C 143 -48.19 11.63 -21.58
C ASP C 143 -49.36 12.64 -21.68
N ILE C 144 -49.13 13.71 -22.42
CA ILE C 144 -50.09 14.78 -22.58
C ILE C 144 -49.84 15.38 -23.94
N ASN C 145 -50.82 16.05 -24.53
CA ASN C 145 -50.58 16.74 -25.79
C ASN C 145 -51.09 18.15 -25.82
N VAL C 146 -50.22 19.08 -26.22
CA VAL C 146 -50.68 20.44 -26.37
C VAL C 146 -50.71 20.83 -27.84
N LYS C 147 -51.83 21.42 -28.26
CA LYS C 147 -51.98 22.00 -29.60
C LYS C 147 -52.03 23.51 -29.47
N TRP C 148 -51.31 24.23 -30.32
CA TRP C 148 -51.41 25.68 -30.31
C TRP C 148 -52.25 26.16 -31.51
N LYS C 149 -53.02 27.24 -31.31
CA LYS C 149 -53.88 27.80 -32.36
C LYS C 149 -53.82 29.32 -32.39
N ILE C 150 -53.93 29.86 -33.61
CA ILE C 150 -53.83 31.30 -33.85
C ILE C 150 -54.91 31.75 -34.85
N ASP C 151 -55.93 32.45 -34.34
CA ASP C 151 -57.18 32.70 -35.06
C ASP C 151 -57.85 31.35 -35.51
N GLY C 152 -57.56 30.27 -34.76
CA GLY C 152 -58.06 28.91 -35.01
C GLY C 152 -57.27 28.05 -36.00
N SER C 153 -55.97 28.36 -36.14
CA SER C 153 -55.06 27.63 -37.01
C SER C 153 -53.92 27.08 -36.20
N GLU C 154 -53.86 25.75 -36.12
CA GLU C 154 -52.82 25.09 -35.39
C GLU C 154 -51.46 25.50 -35.92
N ARG C 155 -50.52 25.61 -34.99
CA ARG C 155 -49.17 25.99 -35.36
C ARG C 155 -48.16 25.11 -34.61
N GLN C 156 -47.34 24.39 -35.39
CA GLN C 156 -46.35 23.46 -34.87
C GLN C 156 -45.02 24.17 -34.64
N ASN C 157 -44.60 24.95 -35.64
CA ASN C 157 -43.32 25.68 -35.62
C ASN C 157 -43.18 26.75 -34.52
N GLY C 158 -42.06 26.71 -33.81
CA GLY C 158 -41.77 27.71 -32.79
C GLY C 158 -42.23 27.33 -31.39
N VAL C 159 -42.60 26.05 -31.23
CA VAL C 159 -43.13 25.53 -29.97
C VAL C 159 -42.05 24.74 -29.26
N LEU C 160 -41.71 25.19 -28.06
CA LEU C 160 -40.76 24.49 -27.23
C LEU C 160 -41.53 24.08 -25.99
N ASN C 161 -41.36 22.83 -25.59
CA ASN C 161 -42.15 22.21 -24.52
C ASN C 161 -41.21 21.62 -23.47
N SER C 162 -41.59 21.65 -22.21
CA SER C 162 -40.69 21.21 -21.14
C SER C 162 -41.43 20.58 -19.98
N TRP C 163 -40.99 19.38 -19.59
CA TRP C 163 -41.62 18.64 -18.47
C TRP C 163 -40.78 18.57 -17.19
N THR C 164 -41.45 18.68 -16.04
CA THR C 164 -40.77 18.57 -14.74
C THR C 164 -40.59 17.11 -14.41
N ASP C 165 -39.68 16.82 -13.48
CA ASP C 165 -39.65 15.51 -12.82
C ASP C 165 -40.89 15.37 -11.95
N GLN C 166 -41.15 14.12 -11.55
CA GLN C 166 -42.35 13.79 -10.76
C GLN C 166 -42.39 14.60 -9.47
N ASP C 167 -43.55 15.10 -9.14
CA ASP C 167 -43.66 15.90 -7.96
C ASP C 167 -43.45 15.05 -6.72
N SER C 168 -42.53 15.50 -5.87
CA SER C 168 -42.20 14.75 -4.66
C SER C 168 -43.31 14.75 -3.59
N LYS C 169 -44.26 15.69 -3.65
CA LYS C 169 -45.39 15.74 -2.69
C LYS C 169 -46.64 15.08 -3.24
N ASP C 170 -46.98 15.37 -4.50
CA ASP C 170 -48.26 14.84 -4.99
C ASP C 170 -48.18 13.89 -6.16
N SER C 171 -46.97 13.59 -6.61
CA SER C 171 -46.73 12.62 -7.68
C SER C 171 -47.24 13.02 -9.04
N THR C 172 -47.65 14.27 -9.21
CA THR C 172 -48.05 14.68 -10.56
C THR C 172 -46.84 15.15 -11.32
N TYR C 173 -47.13 15.59 -12.55
CA TYR C 173 -46.17 16.15 -13.48
C TYR C 173 -46.73 17.46 -13.93
N SER C 174 -45.84 18.28 -14.45
CA SER C 174 -46.22 19.57 -14.96
C SER C 174 -45.49 19.76 -16.29
N MET C 175 -46.13 20.47 -17.19
CA MET C 175 -45.51 20.75 -18.47
C MET C 175 -45.71 22.22 -18.76
N SER C 176 -44.68 22.81 -19.36
CA SER C 176 -44.68 24.18 -19.86
C SER C 176 -44.54 24.15 -21.36
N SER C 177 -45.40 24.90 -22.05
CA SER C 177 -45.40 24.93 -23.50
C SER C 177 -45.30 26.37 -23.98
N THR C 178 -44.26 26.66 -24.76
CA THR C 178 -43.99 28.01 -25.22
C THR C 178 -44.11 28.14 -26.71
N LEU C 179 -45.00 29.01 -27.18
CA LEU C 179 -45.05 29.39 -28.59
C LEU C 179 -44.36 30.73 -28.85
N THR C 180 -43.19 30.67 -29.47
CA THR C 180 -42.36 31.86 -29.73
C THR C 180 -42.48 32.40 -31.14
N LEU C 181 -42.94 33.65 -31.22
CA LEU C 181 -43.13 34.38 -32.46
C LEU C 181 -42.42 35.73 -32.37
N THR C 182 -42.30 36.42 -33.49
CA THR C 182 -41.86 37.82 -33.51
C THR C 182 -42.98 38.75 -33.03
N LYS C 183 -42.64 39.97 -32.65
CA LYS C 183 -43.62 41.01 -32.33
C LYS C 183 -44.66 41.25 -33.43
N ASP C 184 -44.19 41.37 -34.67
CA ASP C 184 -45.06 41.60 -35.83
C ASP C 184 -46.05 40.45 -36.10
N GLU C 185 -45.54 39.22 -36.17
CA GLU C 185 -46.40 38.04 -36.35
C GLU C 185 -47.48 37.98 -35.27
N TYR C 186 -47.07 38.20 -34.03
CA TYR C 186 -47.98 38.35 -32.89
C TYR C 186 -49.02 39.47 -33.06
N GLU C 187 -48.60 40.61 -33.59
CA GLU C 187 -49.49 41.76 -33.70
C GLU C 187 -50.45 41.65 -34.88
N ARG C 188 -50.34 40.55 -35.62
CA ARG C 188 -51.04 40.42 -36.90
C ARG C 188 -52.20 39.45 -36.79
N HIS C 189 -52.25 38.75 -35.66
CA HIS C 189 -53.35 37.83 -35.33
C HIS C 189 -53.98 38.23 -33.98
N ASN C 190 -55.12 37.63 -33.63
CA ASN C 190 -55.83 38.01 -32.41
C ASN C 190 -56.03 36.87 -31.40
N SER C 191 -56.64 35.76 -31.85
CA SER C 191 -56.89 34.61 -31.00
C SER C 191 -55.61 33.80 -30.73
N TYR C 192 -55.36 33.50 -29.45
CA TYR C 192 -54.30 32.57 -29.08
C TYR C 192 -54.91 31.51 -28.18
N THR C 193 -54.75 30.26 -28.58
CA THR C 193 -55.40 29.13 -27.93
C THR C 193 -54.37 28.10 -27.51
N CYS C 194 -54.46 27.68 -26.25
CA CYS C 194 -53.67 26.58 -25.71
C CYS C 194 -54.65 25.47 -25.60
N GLU C 195 -54.38 24.36 -26.28
CA GLU C 195 -55.30 23.20 -26.32
C GLU C 195 -54.61 22.01 -25.69
N ALA C 196 -55.19 21.47 -24.62
CA ALA C 196 -54.59 20.36 -23.85
C ALA C 196 -55.36 19.00 -23.89
N THR C 197 -54.78 18.03 -24.58
CA THR C 197 -55.37 16.71 -24.64
C THR C 197 -54.76 15.72 -23.63
N HIS C 198 -55.64 15.07 -22.85
CA HIS C 198 -55.23 14.22 -21.72
C HIS C 198 -56.27 13.12 -21.40
N LYS C 199 -55.80 11.95 -21.02
CA LYS C 199 -56.70 10.81 -20.91
C LYS C 199 -57.87 11.10 -19.97
N THR C 200 -57.67 12.06 -19.07
CA THR C 200 -58.66 12.41 -18.07
C THR C 200 -59.95 13.02 -18.61
N SER C 201 -59.95 13.46 -19.88
CA SER C 201 -61.18 13.98 -20.49
C SER C 201 -61.28 13.77 -22.01
N THR C 202 -62.50 13.85 -22.51
CA THR C 202 -62.68 13.76 -23.95
C THR C 202 -62.42 15.09 -24.67
N SER C 203 -62.93 16.18 -24.11
CA SER C 203 -62.76 17.50 -24.71
C SER C 203 -61.42 18.00 -24.24
N PRO C 204 -60.54 18.35 -25.18
CA PRO C 204 -59.32 19.05 -24.85
C PRO C 204 -59.64 20.24 -23.94
N ILE C 205 -58.76 20.52 -22.99
CA ILE C 205 -58.94 21.71 -22.15
C ILE C 205 -58.41 22.91 -22.90
N VAL C 206 -59.30 23.75 -23.43
CA VAL C 206 -58.89 24.95 -24.18
C VAL C 206 -58.78 26.22 -23.29
N LYS C 207 -57.75 27.02 -23.57
CA LYS C 207 -57.46 28.19 -22.79
C LYS C 207 -56.97 29.25 -23.77
N SER C 208 -57.62 30.41 -23.74
CA SER C 208 -57.43 31.43 -24.78
C SER C 208 -57.45 32.88 -24.29
N PHE C 209 -56.76 33.75 -25.01
CA PHE C 209 -56.88 35.16 -24.78
C PHE C 209 -57.00 35.91 -26.11
N ASN C 210 -57.73 37.02 -26.09
CA ASN C 210 -57.78 37.93 -27.22
C ASN C 210 -56.81 39.07 -26.97
N ARG C 211 -55.92 39.31 -27.93
CA ARG C 211 -54.83 40.27 -27.76
C ARG C 211 -55.37 41.69 -27.62
N ASN C 212 -56.35 42.04 -28.45
CA ASN C 212 -57.02 43.34 -28.42
C ASN C 212 -57.82 43.67 -27.15
N GLU C 213 -57.98 42.66 -26.28
CA GLU C 213 -58.70 42.83 -25.01
C GLU C 213 -57.77 43.22 -23.85
N GLN D 1 -14.65 12.87 8.94
CA GLN D 1 -15.53 12.58 7.78
C GLN D 1 -14.76 12.62 6.45
N VAL D 2 -14.91 11.57 5.65
CA VAL D 2 -14.34 11.51 4.30
C VAL D 2 -15.05 12.53 3.42
N LYS D 3 -14.29 13.26 2.61
CA LYS D 3 -14.83 14.31 1.75
C LYS D 3 -14.03 14.40 0.47
N LEU D 4 -14.75 14.50 -0.64
CA LEU D 4 -14.10 14.77 -1.90
C LEU D 4 -14.63 16.09 -2.40
N LEU D 5 -13.69 16.97 -2.75
CA LEU D 5 -14.04 18.33 -3.12
C LEU D 5 -13.68 18.58 -4.55
N GLU D 6 -14.69 18.84 -5.36
CA GLU D 6 -14.47 19.05 -6.77
C GLU D 6 -14.44 20.52 -7.26
N SER D 7 -13.76 20.75 -8.37
CA SER D 7 -13.56 22.11 -8.85
C SER D 7 -14.85 22.63 -9.51
N GLY D 8 -14.93 23.96 -9.63
CA GLY D 8 -16.11 24.65 -10.17
C GLY D 8 -16.42 24.31 -11.61
N PRO D 9 -17.65 24.61 -12.07
CA PRO D 9 -18.09 24.38 -13.46
C PRO D 9 -17.21 25.03 -14.55
N GLU D 10 -17.14 24.39 -15.72
CA GLU D 10 -16.32 24.89 -16.84
C GLU D 10 -17.14 25.20 -18.10
N LEU D 11 -16.73 26.26 -18.78
CA LEU D 11 -17.24 26.53 -20.11
C LEU D 11 -16.02 26.53 -21.02
N VAL D 12 -15.90 25.49 -21.83
CA VAL D 12 -14.77 25.35 -22.72
C VAL D 12 -15.27 25.50 -24.13
N LYS D 13 -14.42 26.07 -25.01
CA LYS D 13 -14.57 26.01 -26.46
C LYS D 13 -14.33 24.57 -26.98
N PRO D 14 -14.99 24.18 -28.08
CA PRO D 14 -14.75 22.86 -28.68
C PRO D 14 -13.29 22.67 -29.11
N GLY D 15 -12.85 21.41 -29.19
CA GLY D 15 -11.51 21.10 -29.65
C GLY D 15 -10.40 21.39 -28.68
N ALA D 16 -10.66 22.25 -27.69
CA ALA D 16 -9.70 22.59 -26.64
C ALA D 16 -9.68 21.52 -25.56
N SER D 17 -9.11 21.82 -24.40
CA SER D 17 -9.11 20.85 -23.29
C SER D 17 -9.62 21.42 -21.97
N VAL D 18 -9.72 20.55 -20.95
CA VAL D 18 -10.11 20.93 -19.60
C VAL D 18 -9.51 19.99 -18.52
N LYS D 19 -9.10 20.58 -17.41
CA LYS D 19 -8.58 19.84 -16.27
C LYS D 19 -9.35 20.19 -14.99
N MET D 20 -10.04 19.20 -14.43
CA MET D 20 -10.75 19.36 -13.16
C MET D 20 -10.01 18.65 -12.01
N SER D 21 -10.35 19.03 -10.79
CA SER D 21 -9.66 18.47 -9.62
C SER D 21 -10.64 17.83 -8.63
N CYS D 22 -10.09 17.04 -7.73
CA CYS D 22 -10.83 16.36 -6.67
C CYS D 22 -9.94 16.39 -5.42
N LYS D 23 -10.33 17.11 -4.38
CA LYS D 23 -9.50 17.19 -3.16
C LYS D 23 -10.04 16.27 -2.06
N ALA D 24 -9.20 15.36 -1.58
CA ALA D 24 -9.68 14.31 -0.70
C ALA D 24 -9.18 14.54 0.70
N SER D 25 -10.06 14.28 1.68
CA SER D 25 -9.75 14.47 3.10
C SER D 25 -10.56 13.50 3.94
N GLY D 26 -10.09 13.27 5.17
CA GLY D 26 -10.76 12.40 6.13
C GLY D 26 -10.39 10.93 6.00
N TYR D 27 -9.45 10.62 5.12
CA TYR D 27 -8.90 9.28 4.96
C TYR D 27 -7.51 9.34 4.34
N THR D 28 -6.77 8.25 4.40
CA THR D 28 -5.43 8.20 3.82
C THR D 28 -5.53 8.12 2.29
N PHE D 29 -5.31 9.26 1.66
CA PHE D 29 -5.41 9.44 0.22
C PHE D 29 -4.79 8.31 -0.65
N THR D 30 -3.71 7.70 -0.15
CA THR D 30 -2.97 6.73 -0.93
C THR D 30 -3.42 5.27 -0.79
N SER D 31 -4.31 5.00 0.16
CA SER D 31 -4.78 3.64 0.44
C SER D 31 -5.89 3.23 -0.50
N TYR D 32 -6.51 4.20 -1.19
CA TYR D 32 -7.68 3.96 -2.03
C TYR D 32 -7.47 4.51 -3.46
N VAL D 33 -7.98 3.81 -4.45
CA VAL D 33 -7.90 4.32 -5.80
C VAL D 33 -8.96 5.38 -5.99
N MET D 34 -8.79 6.21 -7.00
CA MET D 34 -9.76 7.22 -7.34
C MET D 34 -10.38 6.99 -8.72
N HIS D 35 -11.70 6.91 -8.75
CA HIS D 35 -12.46 6.63 -9.97
C HIS D 35 -13.05 7.92 -10.49
N TRP D 36 -13.24 7.96 -11.79
CA TRP D 36 -13.87 9.10 -12.44
C TRP D 36 -15.07 8.55 -13.21
N VAL D 37 -16.14 9.35 -13.30
CA VAL D 37 -17.41 8.88 -13.82
C VAL D 37 -18.14 10.04 -14.48
N LYS D 38 -18.63 9.79 -15.70
CA LYS D 38 -19.29 10.80 -16.52
C LYS D 38 -20.82 10.61 -16.57
N GLN D 39 -21.54 11.73 -16.57
CA GLN D 39 -22.98 11.68 -16.68
C GLN D 39 -23.57 12.81 -17.47
N LYS D 40 -23.76 12.63 -18.76
CA LYS D 40 -24.41 13.61 -19.59
C LYS D 40 -25.77 13.85 -18.95
N PRO D 41 -26.27 15.08 -18.98
CA PRO D 41 -27.58 15.39 -18.39
C PRO D 41 -28.73 14.45 -18.80
N GLY D 42 -29.62 14.18 -17.84
CA GLY D 42 -30.71 13.23 -17.96
C GLY D 42 -30.27 11.82 -18.38
N GLN D 43 -28.96 11.54 -18.35
CA GLN D 43 -28.50 10.23 -18.81
C GLN D 43 -27.87 9.32 -17.72
N GLY D 44 -27.31 8.19 -18.15
CA GLY D 44 -26.75 7.20 -17.26
C GLY D 44 -25.44 7.62 -16.66
N LEU D 45 -24.80 6.69 -15.96
CA LEU D 45 -23.49 6.90 -15.37
C LEU D 45 -22.50 6.13 -16.22
N GLU D 46 -21.32 6.68 -16.42
CA GLU D 46 -20.38 5.97 -17.27
C GLU D 46 -18.99 5.94 -16.64
N TRP D 47 -18.49 4.73 -16.40
CA TRP D 47 -17.14 4.56 -15.87
C TRP D 47 -16.03 5.03 -16.83
N ILE D 48 -15.16 5.92 -16.36
CA ILE D 48 -14.10 6.49 -17.22
C ILE D 48 -12.79 5.74 -17.02
N GLY D 49 -12.52 5.37 -15.78
CA GLY D 49 -11.24 4.83 -15.39
C GLY D 49 -10.87 5.24 -13.97
N TYR D 50 -9.68 4.82 -13.54
CA TYR D 50 -9.20 5.21 -12.23
C TYR D 50 -7.70 5.32 -12.18
N ILE D 51 -7.23 6.10 -11.21
CA ILE D 51 -5.83 6.19 -10.86
C ILE D 51 -5.57 5.69 -9.42
N ASN D 52 -4.46 4.98 -9.28
CA ASN D 52 -3.98 4.58 -7.98
C ASN D 52 -3.00 5.64 -7.48
N PRO D 53 -3.41 6.43 -6.49
CA PRO D 53 -2.55 7.51 -5.98
C PRO D 53 -1.27 7.04 -5.30
N TYR D 54 -1.19 5.76 -4.94
CA TYR D 54 -0.02 5.23 -4.29
C TYR D 54 1.14 5.10 -5.29
N ASN D 55 0.82 4.56 -6.46
CA ASN D 55 1.80 4.24 -7.49
C ASN D 55 1.64 5.06 -8.78
N ASP D 56 0.59 5.88 -8.83
CA ASP D 56 0.24 6.62 -10.03
C ASP D 56 -0.19 5.66 -11.13
N GLY D 57 -0.47 4.42 -10.75
CA GLY D 57 -0.98 3.44 -11.69
C GLY D 57 -2.39 3.81 -12.10
N THR D 58 -2.67 3.70 -13.39
CA THR D 58 -3.93 4.14 -13.96
C THR D 58 -4.56 3.01 -14.75
N LYS D 59 -5.88 2.91 -14.71
CA LYS D 59 -6.60 1.96 -15.55
C LYS D 59 -7.78 2.64 -16.25
N TYR D 60 -7.86 2.50 -17.56
CA TYR D 60 -8.87 3.22 -18.33
C TYR D 60 -9.91 2.36 -19.06
N ASN D 61 -11.14 2.88 -19.07
CA ASN D 61 -12.20 2.39 -19.94
C ASN D 61 -11.87 2.60 -21.40
N GLU D 62 -11.76 1.51 -22.15
CA GLU D 62 -11.31 1.53 -23.56
C GLU D 62 -11.74 2.77 -24.34
N LYS D 63 -12.99 3.18 -24.16
CA LYS D 63 -13.60 4.26 -24.92
C LYS D 63 -12.93 5.59 -24.65
N PHE D 64 -12.46 5.79 -23.42
CA PHE D 64 -11.81 7.03 -23.01
C PHE D 64 -10.27 7.01 -23.12
N LYS D 65 -9.71 5.90 -23.60
CA LYS D 65 -8.27 5.84 -23.84
C LYS D 65 -7.93 6.78 -24.97
N GLY D 66 -7.15 7.80 -24.65
CA GLY D 66 -6.88 8.88 -25.59
C GLY D 66 -7.96 9.95 -25.56
N LYS D 67 -8.55 10.17 -24.38
CA LYS D 67 -9.48 11.28 -24.19
C LYS D 67 -9.34 11.80 -22.78
N ALA D 68 -9.17 10.89 -21.84
CA ALA D 68 -8.95 11.24 -20.43
C ALA D 68 -7.54 10.93 -20.00
N THR D 69 -7.01 11.81 -19.16
CA THR D 69 -5.75 11.58 -18.51
C THR D 69 -5.98 11.76 -17.03
N LEU D 70 -5.58 10.77 -16.26
CA LEU D 70 -5.75 10.81 -14.82
C LEU D 70 -4.39 10.93 -14.15
N THR D 71 -4.29 11.86 -13.20
CA THR D 71 -3.07 12.13 -12.45
C THR D 71 -3.46 12.38 -11.01
N SER D 72 -2.47 12.47 -10.12
CA SER D 72 -2.71 12.70 -8.70
C SER D 72 -1.49 13.31 -8.05
N ASP D 73 -1.70 14.24 -7.13
CA ASP D 73 -0.60 14.81 -6.38
C ASP D 73 -0.72 14.35 -4.95
N LYS D 74 0.17 13.44 -4.56
CA LYS D 74 0.12 12.84 -3.26
C LYS D 74 0.42 13.86 -2.14
N SER D 75 1.03 14.98 -2.50
CA SER D 75 1.40 15.99 -1.50
C SER D 75 0.17 16.77 -1.02
N SER D 76 -0.76 17.02 -1.94
CA SER D 76 -1.93 17.85 -1.69
C SER D 76 -3.21 16.98 -1.62
N SER D 77 -3.04 15.66 -1.61
CA SER D 77 -4.19 14.73 -1.60
C SER D 77 -5.23 15.12 -2.62
N THR D 78 -4.80 15.33 -3.87
CA THR D 78 -5.67 15.79 -4.94
C THR D 78 -5.55 15.01 -6.24
N ALA D 79 -6.69 14.51 -6.73
CA ALA D 79 -6.78 13.78 -7.97
C ALA D 79 -7.18 14.70 -9.10
N TYR D 80 -6.73 14.38 -10.31
CA TYR D 80 -6.99 15.23 -11.45
C TYR D 80 -7.41 14.37 -12.62
N MET D 81 -8.27 14.95 -13.48
CA MET D 81 -8.63 14.36 -14.75
C MET D 81 -8.60 15.45 -15.80
N GLU D 82 -7.87 15.21 -16.88
CA GLU D 82 -7.83 16.12 -18.01
C GLU D 82 -8.54 15.48 -19.19
N LEU D 83 -9.42 16.25 -19.83
CA LEU D 83 -10.07 15.83 -21.05
C LEU D 83 -9.59 16.74 -22.18
N SER D 84 -9.18 16.14 -23.30
CA SER D 84 -8.68 16.91 -24.44
C SER D 84 -9.53 16.71 -25.69
N SER D 85 -9.27 17.54 -26.71
CA SER D 85 -10.00 17.53 -27.99
C SER D 85 -11.51 17.57 -27.78
N LEU D 86 -11.92 18.51 -26.94
CA LEU D 86 -13.26 18.58 -26.40
C LEU D 86 -14.31 18.88 -27.44
N THR D 87 -15.28 17.97 -27.52
CA THR D 87 -16.41 18.08 -28.43
C THR D 87 -17.63 18.16 -27.54
N SER D 88 -18.81 18.36 -28.12
CA SER D 88 -20.05 18.52 -27.34
C SER D 88 -20.47 17.22 -26.66
N GLU D 89 -20.06 16.10 -27.27
CA GLU D 89 -20.22 14.75 -26.69
C GLU D 89 -19.50 14.67 -25.34
N ASP D 90 -18.71 15.69 -25.01
CA ASP D 90 -18.00 15.76 -23.73
C ASP D 90 -18.66 16.68 -22.68
N SER D 91 -19.77 17.30 -23.04
CA SER D 91 -20.52 18.08 -22.07
C SER D 91 -21.14 17.11 -21.05
N ALA D 92 -20.91 17.31 -19.77
CA ALA D 92 -21.47 16.41 -18.77
C ALA D 92 -21.04 16.76 -17.37
N VAL D 93 -21.68 16.09 -16.41
CA VAL D 93 -21.21 16.12 -15.06
C VAL D 93 -20.20 14.98 -14.88
N TYR D 94 -19.02 15.33 -14.40
CA TYR D 94 -17.95 14.39 -14.08
C TYR D 94 -17.75 14.26 -12.56
N TYR D 95 -17.58 13.03 -12.10
CA TYR D 95 -17.51 12.73 -10.67
C TYR D 95 -16.20 12.05 -10.33
N CYS D 96 -15.71 12.31 -9.14
CA CYS D 96 -14.62 11.50 -8.64
C CYS D 96 -15.19 10.67 -7.52
N VAL D 97 -14.77 9.42 -7.48
CA VAL D 97 -15.36 8.48 -6.56
C VAL D 97 -14.27 7.69 -5.88
N ARG D 98 -14.28 7.70 -4.56
CA ARG D 98 -13.36 6.84 -3.84
C ARG D 98 -13.74 5.37 -4.03
N GLY D 99 -12.72 4.54 -4.28
CA GLY D 99 -12.93 3.13 -4.50
C GLY D 99 -12.69 2.23 -3.30
N GLY D 100 -13.77 1.80 -2.69
CA GLY D 100 -13.74 0.58 -1.88
C GLY D 100 -13.33 0.66 -0.44
N TYR D 101 -12.50 -0.30 -0.04
CA TYR D 101 -11.96 -0.47 1.33
C TYR D 101 -11.89 -1.95 1.68
N ARG D 102 -12.09 -2.81 0.69
CA ARG D 102 -12.32 -4.24 0.95
C ARG D 102 -10.98 -5.11 0.85
N PRO D 103 -10.92 -6.38 0.41
CA PRO D 103 -11.90 -7.27 -0.25
C PRO D 103 -12.67 -6.65 -1.46
N TYR D 104 -13.85 -7.20 -1.75
CA TYR D 104 -14.76 -6.72 -2.79
C TYR D 104 -14.80 -5.19 -3.09
N TYR D 105 -13.71 -4.66 -3.63
CA TYR D 105 -13.48 -3.22 -3.70
C TYR D 105 -14.52 -2.40 -4.50
N ALA D 106 -15.58 -1.94 -3.83
CA ALA D 106 -16.64 -1.15 -4.50
C ALA D 106 -16.65 0.38 -4.24
N MET D 107 -17.11 1.14 -5.22
CA MET D 107 -17.08 2.60 -5.17
C MET D 107 -18.02 3.13 -4.10
N ASP D 108 -17.50 3.92 -3.17
CA ASP D 108 -18.32 4.34 -2.05
C ASP D 108 -18.51 5.84 -1.89
N TYR D 109 -17.47 6.62 -2.12
CA TYR D 109 -17.63 8.02 -1.81
C TYR D 109 -17.63 8.92 -3.04
N TRP D 110 -18.74 9.65 -3.21
CA TRP D 110 -18.92 10.50 -4.40
C TRP D 110 -18.76 11.99 -4.13
N GLY D 111 -18.07 12.67 -5.05
CA GLY D 111 -17.96 14.12 -5.02
C GLY D 111 -19.24 14.87 -5.36
N GLN D 112 -19.19 16.21 -5.35
CA GLN D 112 -20.35 16.95 -5.77
C GLN D 112 -20.44 16.89 -7.30
N GLY D 113 -19.33 16.51 -7.94
CA GLY D 113 -19.22 16.39 -9.38
C GLY D 113 -18.74 17.70 -9.98
N THR D 114 -18.31 17.69 -11.23
CA THR D 114 -17.91 18.94 -11.91
C THR D 114 -18.58 18.98 -13.27
N SER D 115 -19.42 19.98 -13.45
CA SER D 115 -20.13 20.12 -14.72
C SER D 115 -19.27 20.87 -15.76
N VAL D 116 -19.07 20.23 -16.92
CA VAL D 116 -18.38 20.82 -18.07
C VAL D 116 -19.35 21.02 -19.22
N THR D 117 -19.40 22.23 -19.75
CA THR D 117 -20.12 22.53 -20.96
C THR D 117 -19.14 22.75 -22.08
N VAL D 118 -19.19 21.94 -23.12
CA VAL D 118 -18.35 22.19 -24.29
C VAL D 118 -19.14 22.77 -25.44
N SER D 119 -18.94 24.07 -25.69
CA SER D 119 -19.66 24.81 -26.74
C SER D 119 -18.87 26.03 -27.25
N SER D 120 -19.24 26.57 -28.42
CA SER D 120 -18.60 27.77 -28.97
C SER D 120 -19.33 29.04 -28.53
N ALA D 121 -20.58 28.87 -28.11
CA ALA D 121 -21.43 29.92 -27.52
C ALA D 121 -20.82 30.62 -26.29
N LYS D 122 -21.29 31.83 -26.01
CA LYS D 122 -20.65 32.69 -25.01
C LYS D 122 -21.59 33.01 -23.85
N THR D 123 -20.99 33.28 -22.68
CA THR D 123 -21.70 33.67 -21.46
C THR D 123 -22.66 34.82 -21.71
N THR D 124 -23.92 34.61 -21.36
CA THR D 124 -24.95 35.62 -21.56
C THR D 124 -25.90 35.72 -20.34
N PRO D 125 -26.16 36.95 -19.89
CA PRO D 125 -27.14 37.22 -18.84
C PRO D 125 -28.56 36.91 -19.32
N PRO D 126 -29.47 36.58 -18.43
CA PRO D 126 -30.85 36.27 -18.82
C PRO D 126 -31.75 37.50 -18.90
N SER D 127 -32.75 37.44 -19.77
CA SER D 127 -33.84 38.40 -19.74
C SER D 127 -34.98 37.80 -18.88
N VAL D 128 -35.49 38.57 -17.93
CA VAL D 128 -36.51 38.05 -17.04
C VAL D 128 -37.84 38.76 -17.27
N TYR D 129 -38.84 38.05 -17.77
CA TYR D 129 -40.11 38.70 -18.09
C TYR D 129 -41.23 38.22 -17.19
N PRO D 130 -42.14 39.11 -16.83
CA PRO D 130 -43.22 38.77 -15.90
C PRO D 130 -44.28 37.94 -16.60
N LEU D 131 -45.05 37.17 -15.84
CA LEU D 131 -46.17 36.41 -16.41
C LEU D 131 -47.36 36.58 -15.51
N ALA D 132 -48.33 37.33 -16.02
CA ALA D 132 -49.52 37.71 -15.29
C ALA D 132 -50.75 37.40 -16.17
N PRO D 133 -51.76 36.82 -15.51
CA PRO D 133 -53.04 36.43 -16.10
C PRO D 133 -53.44 37.06 -17.43
N SER D 141 -60.39 30.29 -6.36
CA SER D 141 -59.67 30.36 -5.09
C SER D 141 -58.17 30.49 -5.26
N MET D 142 -57.65 30.20 -6.45
CA MET D 142 -56.20 30.27 -6.72
C MET D 142 -55.81 31.08 -7.97
N VAL D 143 -54.63 31.72 -7.93
CA VAL D 143 -53.99 32.29 -9.13
C VAL D 143 -52.57 31.72 -9.42
N THR D 144 -52.29 31.56 -10.71
CA THR D 144 -50.99 31.06 -11.13
C THR D 144 -50.22 32.15 -11.87
N LEU D 145 -49.06 32.46 -11.32
CA LEU D 145 -48.23 33.47 -11.91
C LEU D 145 -47.02 32.83 -12.58
N GLY D 146 -46.29 33.63 -13.34
CA GLY D 146 -45.10 33.11 -13.96
C GLY D 146 -43.97 34.10 -14.08
N CYS D 147 -42.89 33.59 -14.64
CA CYS D 147 -41.68 34.32 -14.78
C CYS D 147 -41.01 33.61 -15.91
N LEU D 148 -40.52 34.38 -16.87
CA LEU D 148 -39.82 33.80 -18.02
C LEU D 148 -38.40 34.33 -18.13
N VAL D 149 -37.47 33.39 -18.06
CA VAL D 149 -36.04 33.64 -18.08
C VAL D 149 -35.53 33.22 -19.45
N LYS D 150 -35.45 34.19 -20.37
CA LYS D 150 -35.05 33.94 -21.77
C LYS D 150 -33.60 34.29 -22.14
N GLY D 151 -33.02 33.45 -23.00
CA GLY D 151 -31.69 33.66 -23.55
C GLY D 151 -30.55 33.90 -22.58
N TYR D 152 -30.19 32.88 -21.79
CA TYR D 152 -29.00 32.97 -20.95
C TYR D 152 -28.01 31.87 -21.29
N PHE D 153 -26.80 31.96 -20.72
CA PHE D 153 -25.73 30.99 -20.96
C PHE D 153 -24.50 31.24 -20.07
N PRO D 154 -23.89 30.17 -19.54
CA PRO D 154 -24.47 28.83 -19.53
C PRO D 154 -25.50 28.64 -18.42
N GLU D 155 -26.03 27.42 -18.31
CA GLU D 155 -26.73 26.98 -17.11
C GLU D 155 -25.75 26.98 -15.93
N PRO D 156 -26.24 26.91 -14.70
CA PRO D 156 -27.66 27.06 -14.37
C PRO D 156 -28.14 28.50 -14.05
N VAL D 157 -29.46 28.62 -13.89
CA VAL D 157 -30.06 29.74 -13.17
C VAL D 157 -30.75 29.15 -11.95
N THR D 158 -30.90 29.94 -10.90
CA THR D 158 -31.80 29.54 -9.80
C THR D 158 -32.95 30.56 -9.71
N VAL D 159 -34.15 30.03 -9.48
CA VAL D 159 -35.32 30.84 -9.25
C VAL D 159 -35.84 30.57 -7.87
N THR D 160 -36.30 31.62 -7.21
CA THR D 160 -37.12 31.48 -6.03
C THR D 160 -38.20 32.52 -6.14
N TRP D 161 -39.16 32.45 -5.23
CA TRP D 161 -40.17 33.47 -5.14
C TRP D 161 -40.27 34.00 -3.72
N ASN D 162 -40.23 35.33 -3.61
CA ASN D 162 -40.20 36.04 -2.33
C ASN D 162 -39.12 35.51 -1.42
N SER D 163 -37.93 35.31 -2.00
CA SER D 163 -36.70 34.95 -1.29
C SER D 163 -36.78 33.67 -0.45
N GLY D 164 -37.58 32.74 -0.93
CA GLY D 164 -37.85 31.52 -0.20
C GLY D 164 -39.18 31.52 0.51
N SER D 165 -39.74 32.72 0.71
CA SER D 165 -41.05 32.87 1.34
C SER D 165 -42.10 31.98 0.66
N LEU D 166 -42.16 31.98 -0.66
CA LEU D 166 -43.08 31.09 -1.37
C LEU D 166 -42.27 29.92 -1.90
N SER D 167 -42.51 28.75 -1.32
CA SER D 167 -41.71 27.60 -1.68
C SER D 167 -42.59 26.46 -2.19
N SER D 168 -43.75 26.27 -1.56
CA SER D 168 -44.74 25.34 -2.12
C SER D 168 -45.47 25.98 -3.31
N GLY D 169 -46.07 25.14 -4.15
CA GLY D 169 -46.77 25.62 -5.32
C GLY D 169 -45.92 26.18 -6.46
N VAL D 170 -44.64 25.81 -6.53
CA VAL D 170 -43.75 26.31 -7.58
C VAL D 170 -43.28 25.23 -8.53
N HIS D 171 -43.51 25.44 -9.82
CA HIS D 171 -42.89 24.63 -10.86
C HIS D 171 -41.82 25.45 -11.57
N THR D 172 -40.58 25.03 -11.40
CA THR D 172 -39.48 25.55 -12.17
C THR D 172 -39.03 24.50 -13.18
N PHE D 173 -39.41 24.70 -14.42
CA PHE D 173 -39.13 23.74 -15.48
C PHE D 173 -37.67 23.70 -15.92
N PRO D 174 -37.25 22.56 -16.43
CA PRO D 174 -35.95 22.44 -17.10
C PRO D 174 -35.82 23.40 -18.28
N ALA D 175 -34.58 23.75 -18.60
CA ALA D 175 -34.29 24.74 -19.62
C ALA D 175 -34.16 24.11 -20.96
N VAL D 176 -34.69 24.75 -21.99
CA VAL D 176 -34.46 24.22 -23.34
C VAL D 176 -33.50 25.11 -24.12
N LEU D 177 -32.83 24.50 -25.09
CA LEU D 177 -31.91 25.20 -25.95
C LEU D 177 -32.69 25.90 -27.05
N GLN D 178 -32.87 27.20 -26.88
CA GLN D 178 -33.43 28.07 -27.92
C GLN D 178 -32.31 28.86 -28.59
N SER D 179 -31.75 28.26 -29.65
CA SER D 179 -30.69 28.84 -30.51
C SER D 179 -29.45 29.33 -29.78
N ASP D 180 -28.58 28.39 -29.36
CA ASP D 180 -27.31 28.70 -28.71
C ASP D 180 -27.46 29.23 -27.26
N LEU D 181 -28.66 29.63 -26.87
CA LEU D 181 -28.91 30.17 -25.54
C LEU D 181 -30.03 29.39 -24.87
N TYR D 182 -30.15 29.47 -23.54
CA TYR D 182 -31.16 28.70 -22.81
C TYR D 182 -32.36 29.53 -22.43
N THR D 183 -33.50 28.85 -22.36
CA THR D 183 -34.76 29.45 -21.96
C THR D 183 -35.44 28.55 -20.93
N LEU D 184 -35.98 29.17 -19.90
CA LEU D 184 -36.69 28.43 -18.85
C LEU D 184 -37.80 29.34 -18.34
N SER D 185 -38.85 28.71 -17.83
CA SER D 185 -39.91 29.43 -17.13
C SER D 185 -40.15 28.87 -15.74
N SER D 186 -40.88 29.64 -14.93
CA SER D 186 -41.28 29.22 -13.60
C SER D 186 -42.68 29.67 -13.28
N SER D 187 -43.43 28.84 -12.55
CA SER D 187 -44.78 29.20 -12.16
C SER D 187 -44.96 29.07 -10.66
N VAL D 188 -45.77 29.96 -10.11
CA VAL D 188 -46.11 29.96 -8.71
C VAL D 188 -47.63 30.07 -8.57
N THR D 189 -48.20 29.25 -7.70
CA THR D 189 -49.63 29.27 -7.45
C THR D 189 -49.88 29.77 -6.03
N VAL D 190 -50.76 30.77 -5.86
CA VAL D 190 -51.05 31.38 -4.55
C VAL D 190 -52.57 31.61 -4.38
N PRO D 191 -53.08 31.71 -3.14
CA PRO D 191 -54.51 31.98 -2.95
C PRO D 191 -54.90 33.27 -3.68
N SER D 192 -56.05 33.24 -4.34
CA SER D 192 -56.52 34.39 -5.15
C SER D 192 -56.65 35.72 -4.37
N SER D 193 -57.25 35.61 -3.17
CA SER D 193 -57.30 36.70 -2.18
C SER D 193 -55.94 37.33 -1.85
N THR D 194 -54.86 36.54 -1.81
CA THR D 194 -53.55 37.07 -1.45
C THR D 194 -52.85 37.89 -2.51
N TRP D 195 -53.39 37.92 -3.74
CA TRP D 195 -52.74 38.63 -4.84
C TRP D 195 -53.72 39.56 -5.59
N PRO D 196 -53.29 40.76 -6.01
CA PRO D 196 -51.92 41.26 -5.88
C PRO D 196 -51.67 42.09 -4.62
N SER D 197 -52.58 42.05 -3.65
CA SER D 197 -52.44 42.70 -2.35
C SER D 197 -51.14 42.33 -1.65
N GLU D 198 -50.82 41.03 -1.63
CA GLU D 198 -49.49 40.56 -1.26
C GLU D 198 -48.65 40.53 -2.53
N THR D 199 -47.45 41.12 -2.46
CA THR D 199 -46.53 41.13 -3.60
C THR D 199 -45.92 39.76 -3.83
N VAL D 200 -45.70 39.47 -5.10
CA VAL D 200 -45.05 38.26 -5.55
C VAL D 200 -43.91 38.65 -6.47
N THR D 201 -42.70 38.30 -6.04
CA THR D 201 -41.47 38.59 -6.80
C THR D 201 -40.78 37.29 -7.20
N CYS D 202 -40.34 37.16 -8.45
CA CYS D 202 -39.44 36.05 -8.75
C CYS D 202 -38.02 36.56 -8.67
N ASN D 203 -37.20 35.88 -7.87
CA ASN D 203 -35.77 36.14 -7.81
C ASN D 203 -34.98 35.16 -8.72
N VAL D 204 -34.45 35.65 -9.85
CA VAL D 204 -33.55 34.88 -10.71
C VAL D 204 -32.09 35.19 -10.41
N ALA D 205 -31.28 34.15 -10.22
CA ALA D 205 -29.83 34.34 -10.17
C ALA D 205 -29.19 33.59 -11.32
N HIS D 206 -28.11 34.16 -11.85
CA HIS D 206 -27.36 33.49 -12.90
C HIS D 206 -25.89 33.74 -12.58
N PRO D 207 -25.29 32.87 -11.76
CA PRO D 207 -23.92 33.04 -11.26
C PRO D 207 -22.76 33.02 -12.26
N ALA D 208 -22.97 32.46 -13.46
CA ALA D 208 -21.99 32.56 -14.55
C ALA D 208 -21.81 34.01 -15.07
N SER D 209 -22.84 34.81 -14.88
CA SER D 209 -22.85 36.22 -15.29
C SER D 209 -22.99 37.14 -14.09
N SER D 210 -22.96 36.56 -12.88
CA SER D 210 -22.98 37.35 -11.64
C SER D 210 -24.17 38.32 -11.61
N THR D 211 -25.25 37.90 -12.29
CA THR D 211 -26.47 38.66 -12.43
C THR D 211 -27.50 38.14 -11.46
N LYS D 212 -28.20 39.07 -10.82
CA LYS D 212 -29.35 38.81 -9.97
C LYS D 212 -30.53 39.71 -10.40
N VAL D 213 -31.65 39.10 -10.78
CA VAL D 213 -32.80 39.88 -11.26
C VAL D 213 -34.02 39.66 -10.36
N ASP D 214 -34.84 40.71 -10.22
CA ASP D 214 -36.05 40.66 -9.39
C ASP D 214 -37.24 41.33 -10.05
N LYS D 215 -38.15 40.52 -10.58
CA LYS D 215 -39.40 41.00 -11.15
C LYS D 215 -40.53 40.77 -10.16
N LYS D 216 -41.22 41.86 -9.86
CA LYS D 216 -42.43 41.84 -9.08
C LYS D 216 -43.45 41.54 -10.17
N ILE D 217 -44.44 40.69 -9.87
CA ILE D 217 -45.48 40.35 -10.83
C ILE D 217 -46.59 41.35 -10.70
N VAL D 218 -46.67 42.23 -11.69
CA VAL D 218 -47.67 43.28 -11.70
C VAL D 218 -48.83 42.84 -12.56
N PRO D 219 -50.02 42.82 -11.98
CA PRO D 219 -51.27 42.65 -12.72
C PRO D 219 -51.36 43.59 -13.92
N ARG D 220 -51.73 43.04 -15.07
CA ARG D 220 -51.97 43.84 -16.28
C ARG D 220 -53.07 44.90 -16.08
S SO4 E . 5.68 -35.16 -0.85
O1 SO4 E . 5.43 -36.59 -0.70
O2 SO4 E . 4.41 -34.47 -0.97
O3 SO4 E . 6.38 -34.64 0.33
O4 SO4 E . 6.46 -34.91 -2.07
S SO4 F . 11.04 -37.83 -0.64
O1 SO4 F . 10.95 -39.13 0.22
O2 SO4 F . 9.74 -37.20 -0.57
O3 SO4 F . 12.07 -36.80 -0.06
O4 SO4 F . 11.34 -38.14 -2.14
S SO4 G . -36.67 -13.75 -1.54
O1 SO4 G . -37.05 -13.38 -0.17
O2 SO4 G . -35.33 -14.35 -1.50
O3 SO4 G . -37.60 -14.73 -2.08
O4 SO4 G . -36.61 -12.56 -2.40
#